data_7ZFD
#
_entry.id   7ZFD
#
_cell.length_a   123.047
_cell.length_b   123.047
_cell.length_c   223.658
_cell.angle_alpha   90.000
_cell.angle_beta   90.000
_cell.angle_gamma   90.000
#
_symmetry.space_group_name_H-M   'P 43 21 2'
#
loop_
_entity.id
_entity.type
_entity.pdbx_description
1 polymer 'Omi-25 heavy chain'
2 polymer 'Spike protein S1'
3 polymer 'Omi-25 light chain'
#
loop_
_entity_poly.entity_id
_entity_poly.type
_entity_poly.pdbx_seq_one_letter_code
_entity_poly.pdbx_strand_id
1 'polypeptide(L)'
;QVQLVESGGGLVQPGRSLRLSCAASGFTFDDYAMHWVRQVPGKGLEWVSGISWNSGSIVYADFVKGRFTIARDNAKNSLF
LQMNSLRAEDTALYYCAKSTALRHQYYYGMDVWGQGTTVTVSSASTKGPSVFPLAPSSKSTSGGTAALGCLVKDYFPEPV
TVSWNSGALTSGVHTFPAVLQSSGLYSLSSVVTVPSSSLGTQTYICNVNHKPSNTKVDKRVEPKSCDK
;
H,A
2 'polypeptide(L)'
;PNITNLCPFDEVFNATRFASVYAWNRKRISNCVADYSVLYNLAPFFTFKCYGVSPTKLNDLCFTNVYADSFVIRGDEVRQ
IAPGQTGNIADYNYKLPDDFTGCVIAWNSNKLDSKVSGNYNYLYRLFRKSNLKPFERDISTEIYQAGNKPCNGVAGFNCY
FPLRSYSFRPTYGVGHQPYRVVVLSFELLHAPATVCGPKKSTNHHHHHH
;
E,F
3 'polypeptide(L)'
;AIQMTQSPSSLSASVGDRVTITCRTSQTISSYLNWYQQKPGKAPKLLIYDASSLQSGVPSRFSGSGYGTDFTLTISSLQP
EDFATYFCQQSYNTPYAFGQGTKVEIKRTVAAPSVFIFPPSDEQLKSGTASVVCLLNNFYPREAKVQWKVDNALQSGNSQ
ESVTEQDSKDSTYSLSSTLTLSKADYEKHKVYACEVTHQGLSSPVTKSFNRGEC
;
L,B
#
# COMPACT_ATOMS: atom_id res chain seq x y z
N GLN A 1 13.31 -20.21 -20.57
CA GLN A 1 14.06 -19.04 -20.13
C GLN A 1 13.29 -18.21 -19.12
N VAL A 2 14.02 -17.33 -18.43
CA VAL A 2 13.39 -16.33 -17.58
C VAL A 2 12.54 -15.41 -18.44
N GLN A 3 11.38 -15.02 -17.93
CA GLN A 3 10.46 -14.23 -18.74
C GLN A 3 9.54 -13.43 -17.83
N LEU A 4 9.29 -12.18 -18.22
CA LEU A 4 8.28 -11.34 -17.60
C LEU A 4 7.46 -10.68 -18.70
N VAL A 5 6.15 -10.57 -18.47
CA VAL A 5 5.24 -9.96 -19.45
C VAL A 5 4.25 -9.09 -18.69
N GLU A 6 4.20 -7.81 -19.04
CA GLU A 6 3.26 -6.88 -18.44
C GLU A 6 1.96 -6.85 -19.22
N SER A 7 0.88 -6.51 -18.52
CA SER A 7 -0.44 -6.42 -19.12
C SER A 7 -1.27 -5.41 -18.34
N GLY A 8 -2.39 -5.01 -18.94
CA GLY A 8 -3.33 -4.09 -18.31
C GLY A 8 -3.22 -2.66 -18.77
N GLY A 9 -2.25 -2.33 -19.62
CA GLY A 9 -2.12 -0.98 -20.10
C GLY A 9 -3.23 -0.60 -21.08
N GLY A 10 -3.46 0.70 -21.19
CA GLY A 10 -4.49 1.21 -22.06
C GLY A 10 -4.81 2.65 -21.70
N LEU A 11 -5.92 3.12 -22.24
CA LEU A 11 -6.37 4.49 -21.98
C LEU A 11 -7.13 4.57 -20.66
N VAL A 12 -6.93 5.67 -19.96
CA VAL A 12 -7.62 5.96 -18.71
C VAL A 12 -7.76 7.47 -18.60
N GLN A 13 -8.96 7.93 -18.25
CA GLN A 13 -9.17 9.36 -18.06
C GLN A 13 -8.47 9.82 -16.79
N PRO A 14 -8.08 11.10 -16.73
CA PRO A 14 -7.49 11.62 -15.49
C PRO A 14 -8.42 11.44 -14.31
N GLY A 15 -7.85 11.00 -13.19
CA GLY A 15 -8.59 10.73 -11.99
C GLY A 15 -9.11 9.31 -11.86
N ARG A 16 -9.13 8.54 -12.93
CA ARG A 16 -9.65 7.18 -12.90
C ARG A 16 -8.54 6.20 -12.50
N SER A 17 -8.85 4.90 -12.56
CA SER A 17 -7.96 3.87 -12.06
C SER A 17 -7.62 2.85 -13.15
N LEU A 18 -6.50 2.16 -12.96
CA LEU A 18 -6.05 1.10 -13.86
C LEU A 18 -5.20 0.12 -13.08
N ARG A 19 -5.32 -1.17 -13.41
CA ARG A 19 -4.61 -2.23 -12.72
C ARG A 19 -3.69 -2.94 -13.70
N LEU A 20 -2.40 -2.95 -13.38
CA LEU A 20 -1.38 -3.62 -14.19
C LEU A 20 -1.01 -4.96 -13.58
N SER A 21 -0.65 -5.90 -14.45
CA SER A 21 -0.23 -7.23 -14.02
C SER A 21 1.11 -7.58 -14.66
N CYS A 22 1.85 -8.48 -14.00
CA CYS A 22 3.13 -8.95 -14.51
C CYS A 22 3.22 -10.46 -14.26
N ALA A 23 3.27 -11.23 -15.35
CA ALA A 23 3.33 -12.68 -15.27
C ALA A 23 4.77 -13.14 -15.42
N ALA A 24 5.22 -13.99 -14.50
CA ALA A 24 6.60 -14.44 -14.46
C ALA A 24 6.68 -15.93 -14.77
N SER A 25 7.77 -16.32 -15.42
CA SER A 25 8.02 -17.73 -15.73
C SER A 25 9.51 -17.91 -15.95
N GLY A 26 9.95 -19.17 -15.80
CA GLY A 26 11.33 -19.53 -15.99
C GLY A 26 12.24 -19.35 -14.80
N PHE A 27 11.70 -18.94 -13.65
CA PHE A 27 12.49 -18.80 -12.44
C PHE A 27 11.57 -18.91 -11.24
N THR A 28 12.17 -19.04 -10.05
CA THR A 28 11.43 -19.15 -8.80
C THR A 28 10.97 -17.76 -8.40
N PHE A 29 9.73 -17.44 -8.79
CA PHE A 29 9.18 -16.10 -8.55
C PHE A 29 9.12 -15.77 -7.06
N ASP A 30 8.82 -16.77 -6.22
CA ASP A 30 8.62 -16.53 -4.79
C ASP A 30 9.89 -16.12 -4.06
N ASP A 31 11.06 -16.27 -4.67
CA ASP A 31 12.33 -16.04 -3.99
C ASP A 31 12.93 -14.67 -4.26
N TYR A 32 12.35 -13.87 -5.15
CA TYR A 32 12.98 -12.65 -5.62
C TYR A 32 12.05 -11.46 -5.43
N ALA A 33 12.64 -10.31 -5.13
CA ALA A 33 11.90 -9.06 -5.14
C ALA A 33 11.60 -8.63 -6.57
N MET A 34 10.46 -7.95 -6.72
CA MET A 34 10.02 -7.45 -8.02
C MET A 34 9.88 -5.94 -7.97
N HIS A 35 9.96 -5.31 -9.13
CA HIS A 35 9.96 -3.86 -9.23
C HIS A 35 9.04 -3.41 -10.36
N TRP A 36 8.56 -2.18 -10.22
CA TRP A 36 7.89 -1.47 -11.31
C TRP A 36 8.72 -0.27 -11.70
N VAL A 37 9.02 -0.15 -12.99
CA VAL A 37 9.78 0.96 -13.53
C VAL A 37 9.03 1.49 -14.75
N ARG A 38 9.00 2.81 -14.89
CA ARG A 38 8.29 3.47 -15.99
C ARG A 38 9.22 4.41 -16.71
N GLN A 39 8.79 4.85 -17.89
CA GLN A 39 9.63 5.72 -18.72
C GLN A 39 8.72 6.67 -19.51
N VAL A 40 8.91 7.96 -19.28
CA VAL A 40 8.15 9.01 -19.97
C VAL A 40 8.62 9.09 -21.42
N PRO A 41 7.72 9.30 -22.40
CA PRO A 41 8.16 9.37 -23.80
C PRO A 41 9.27 10.40 -24.03
N GLY A 42 10.49 9.90 -24.24
CA GLY A 42 11.64 10.74 -24.47
C GLY A 42 12.54 10.93 -23.26
N LYS A 43 12.01 10.70 -22.06
CA LYS A 43 12.78 10.88 -20.84
C LYS A 43 13.47 9.58 -20.46
N GLY A 44 14.00 9.52 -19.24
CA GLY A 44 14.73 8.37 -18.76
C GLY A 44 13.90 7.47 -17.86
N LEU A 45 14.50 6.35 -17.49
CA LEU A 45 13.83 5.40 -16.60
C LEU A 45 13.55 6.03 -15.25
N GLU A 46 12.41 5.66 -14.66
CA GLU A 46 12.01 6.17 -13.35
C GLU A 46 11.46 5.01 -12.53
N TRP A 47 12.09 4.76 -11.38
CA TRP A 47 11.64 3.70 -10.50
C TRP A 47 10.32 4.06 -9.84
N VAL A 48 9.42 3.09 -9.76
CA VAL A 48 8.06 3.31 -9.27
C VAL A 48 7.84 2.64 -7.91
N SER A 49 8.06 1.33 -7.83
CA SER A 49 7.72 0.60 -6.62
C SER A 49 8.39 -0.77 -6.64
N GLY A 50 8.56 -1.33 -5.44
CA GLY A 50 9.10 -2.67 -5.29
C GLY A 50 8.43 -3.39 -4.14
N ILE A 51 8.65 -4.70 -4.08
CA ILE A 51 8.02 -5.55 -3.08
C ILE A 51 8.92 -6.75 -2.83
N SER A 52 9.09 -7.10 -1.55
CA SER A 52 9.92 -8.23 -1.16
C SER A 52 9.22 -9.54 -1.54
N TRP A 53 9.96 -10.65 -1.37
CA TRP A 53 9.42 -11.96 -1.77
C TRP A 53 8.18 -12.32 -0.97
N ASN A 54 8.16 -12.03 0.33
CA ASN A 54 7.03 -12.35 1.17
C ASN A 54 6.13 -11.14 1.43
N SER A 55 6.28 -10.09 0.63
CA SER A 55 5.47 -8.88 0.69
C SER A 55 5.62 -8.13 2.01
N GLY A 56 6.60 -8.50 2.83
CA GLY A 56 6.84 -7.80 4.08
C GLY A 56 7.43 -6.42 3.92
N SER A 57 7.99 -6.12 2.76
CA SER A 57 8.59 -4.82 2.48
C SER A 57 8.01 -4.28 1.19
N ILE A 58 7.40 -3.10 1.28
CA ILE A 58 6.68 -2.49 0.16
C ILE A 58 7.02 -1.00 0.11
N VAL A 59 7.35 -0.49 -1.08
CA VAL A 59 7.86 0.87 -1.25
C VAL A 59 7.16 1.55 -2.41
N TYR A 60 7.19 2.89 -2.38
CA TYR A 60 6.69 3.72 -3.45
C TYR A 60 7.56 4.97 -3.55
N ALA A 61 7.86 5.39 -4.76
CA ALA A 61 8.49 6.69 -4.97
C ALA A 61 7.51 7.81 -4.61
N ASP A 62 8.06 8.98 -4.31
CA ASP A 62 7.24 10.06 -3.79
C ASP A 62 6.15 10.49 -4.77
N PHE A 63 6.41 10.41 -6.07
CA PHE A 63 5.37 10.76 -7.05
C PHE A 63 4.20 9.77 -7.01
N VAL A 64 4.27 8.75 -6.16
CA VAL A 64 3.20 7.78 -6.04
C VAL A 64 2.24 8.13 -4.91
N LYS A 65 2.75 8.71 -3.82
CA LYS A 65 1.94 9.15 -2.69
C LYS A 65 1.10 7.99 -2.15
N GLY A 66 -0.22 8.14 -2.18
CA GLY A 66 -1.08 7.06 -1.71
C GLY A 66 -2.03 6.60 -2.81
N ARG A 67 -1.61 6.82 -4.05
CA ARG A 67 -2.44 6.50 -5.21
C ARG A 67 -2.22 5.08 -5.72
N PHE A 68 -0.98 4.63 -5.80
CA PHE A 68 -0.66 3.31 -6.34
C PHE A 68 -0.50 2.31 -5.19
N THR A 69 -0.72 1.04 -5.51
CA THR A 69 -0.59 -0.03 -4.54
C THR A 69 0.02 -1.25 -5.23
N ILE A 70 1.21 -1.64 -4.78
CA ILE A 70 1.88 -2.82 -5.33
C ILE A 70 1.50 -4.03 -4.51
N ALA A 71 1.40 -5.17 -5.18
CA ALA A 71 1.08 -6.44 -4.52
C ALA A 71 1.55 -7.57 -5.42
N ARG A 72 1.57 -8.78 -4.86
CA ARG A 72 2.01 -9.94 -5.60
C ARG A 72 1.25 -11.18 -5.13
N ASP A 73 1.13 -12.15 -6.02
CA ASP A 73 0.49 -13.43 -5.73
C ASP A 73 1.51 -14.50 -6.09
N ASN A 74 2.24 -14.98 -5.09
CA ASN A 74 3.31 -15.94 -5.34
C ASN A 74 2.78 -17.26 -5.88
N ALA A 75 1.54 -17.61 -5.53
CA ALA A 75 0.95 -18.84 -6.05
C ALA A 75 0.69 -18.73 -7.56
N LYS A 76 0.35 -17.54 -8.05
CA LYS A 76 0.08 -17.34 -9.46
C LYS A 76 1.27 -16.76 -10.22
N ASN A 77 2.41 -16.59 -9.54
CA ASN A 77 3.62 -16.01 -10.14
C ASN A 77 3.31 -14.69 -10.84
N SER A 78 2.61 -13.81 -10.13
CA SER A 78 2.13 -12.56 -10.73
C SER A 78 2.46 -11.38 -9.82
N LEU A 79 2.86 -10.28 -10.44
CA LEU A 79 3.07 -9.01 -9.77
C LEU A 79 2.02 -8.02 -10.25
N PHE A 80 1.53 -7.17 -9.34
CA PHE A 80 0.45 -6.26 -9.64
C PHE A 80 0.79 -4.85 -9.20
N LEU A 81 0.16 -3.88 -9.86
CA LEU A 81 0.27 -2.47 -9.50
C LEU A 81 -1.09 -1.82 -9.72
N GLN A 82 -1.78 -1.50 -8.63
CA GLN A 82 -3.08 -0.83 -8.70
C GLN A 82 -2.84 0.68 -8.73
N MET A 83 -3.20 1.30 -9.84
CA MET A 83 -2.94 2.72 -10.09
C MET A 83 -4.25 3.49 -9.98
N ASN A 84 -4.34 4.38 -8.99
CA ASN A 84 -5.52 5.20 -8.78
C ASN A 84 -5.17 6.67 -8.93
N SER A 85 -6.19 7.49 -9.18
CA SER A 85 -6.05 8.93 -9.33
C SER A 85 -4.96 9.28 -10.33
N LEU A 86 -4.99 8.59 -11.46
CA LEU A 86 -3.96 8.74 -12.48
C LEU A 86 -3.95 10.15 -13.05
N ARG A 87 -2.76 10.68 -13.30
CA ARG A 87 -2.58 12.01 -13.86
C ARG A 87 -1.88 11.92 -15.21
N ALA A 88 -1.84 13.06 -15.91
CA ALA A 88 -1.25 13.09 -17.24
C ALA A 88 0.24 12.78 -17.20
N GLU A 89 0.92 13.12 -16.10
CA GLU A 89 2.34 12.80 -15.97
C GLU A 89 2.59 11.35 -15.60
N ASP A 90 1.53 10.57 -15.36
CA ASP A 90 1.68 9.12 -15.21
C ASP A 90 1.73 8.41 -16.55
N THR A 91 1.52 9.12 -17.65
CA THR A 91 1.64 8.52 -18.97
C THR A 91 3.07 8.08 -19.23
N ALA A 92 3.26 6.77 -19.40
CA ALA A 92 4.58 6.19 -19.56
C ALA A 92 4.40 4.70 -19.86
N LEU A 93 5.47 4.09 -20.35
CA LEU A 93 5.52 2.65 -20.51
C LEU A 93 6.08 2.04 -19.23
N TYR A 94 5.34 1.09 -18.66
CA TYR A 94 5.66 0.54 -17.35
C TYR A 94 6.33 -0.82 -17.51
N TYR A 95 7.52 -0.95 -16.91
CA TYR A 95 8.29 -2.19 -16.93
C TYR A 95 8.14 -2.93 -15.62
N CYS A 96 8.19 -4.26 -15.69
CA CYS A 96 8.22 -5.12 -14.52
C CYS A 96 9.57 -5.82 -14.49
N ALA A 97 10.28 -5.71 -13.36
CA ALA A 97 11.67 -6.13 -13.27
C ALA A 97 11.90 -7.07 -12.09
N LYS A 98 12.67 -8.13 -12.34
CA LYS A 98 13.12 -9.07 -11.31
C LYS A 98 14.50 -8.68 -10.79
N SER A 99 14.66 -8.72 -9.46
CA SER A 99 15.92 -8.35 -8.82
C SER A 99 16.91 -9.51 -8.89
N THR A 100 18.15 -9.20 -9.30
CA THR A 100 19.19 -10.23 -9.37
C THR A 100 19.42 -10.89 -8.02
N ALA A 101 19.82 -10.10 -7.03
CA ALA A 101 20.17 -10.59 -5.71
C ALA A 101 19.02 -11.34 -5.06
N LEU A 102 19.31 -12.57 -4.64
CA LEU A 102 18.30 -13.45 -4.05
C LEU A 102 17.89 -12.98 -2.65
N ARG A 103 16.62 -13.20 -2.33
CA ARG A 103 16.01 -12.90 -1.02
C ARG A 103 16.15 -11.41 -0.68
N HIS A 104 16.26 -11.09 0.62
CA HIS A 104 16.20 -9.71 1.11
C HIS A 104 17.52 -8.96 0.88
N GLN A 105 17.82 -8.71 -0.39
CA GLN A 105 18.93 -7.85 -0.79
C GLN A 105 18.54 -7.28 -2.15
N TYR A 106 18.08 -6.04 -2.17
CA TYR A 106 17.64 -5.42 -3.42
C TYR A 106 18.58 -4.29 -3.81
N TYR A 107 19.87 -4.52 -3.62
CA TYR A 107 20.90 -3.51 -3.85
C TYR A 107 21.87 -3.94 -4.94
N TYR A 108 21.38 -4.65 -5.94
CA TYR A 108 22.26 -5.12 -7.00
C TYR A 108 21.73 -4.74 -8.38
N GLY A 109 20.59 -5.28 -8.79
CA GLY A 109 20.06 -4.88 -10.08
C GLY A 109 18.94 -5.78 -10.54
N MET A 110 18.27 -5.31 -11.59
CA MET A 110 17.17 -6.03 -12.23
C MET A 110 17.70 -6.68 -13.51
N ASP A 111 17.95 -8.00 -13.46
CA ASP A 111 18.47 -8.67 -14.64
C ASP A 111 17.39 -8.88 -15.70
N VAL A 112 16.17 -9.22 -15.27
CA VAL A 112 15.11 -9.61 -16.19
C VAL A 112 14.08 -8.48 -16.23
N TRP A 113 13.73 -8.06 -17.44
CA TRP A 113 12.75 -7.01 -17.68
C TRP A 113 11.74 -7.52 -18.68
N GLY A 114 10.48 -7.15 -18.49
CA GLY A 114 9.47 -7.45 -19.48
C GLY A 114 9.53 -6.48 -20.64
N GLN A 115 8.68 -6.75 -21.64
CA GLN A 115 8.62 -5.85 -22.78
C GLN A 115 7.91 -4.54 -22.42
N GLY A 116 7.13 -4.54 -21.35
CA GLY A 116 6.48 -3.33 -20.87
C GLY A 116 5.07 -3.20 -21.40
N THR A 117 4.26 -2.43 -20.67
CA THR A 117 2.90 -2.09 -21.08
C THR A 117 2.73 -0.58 -21.00
N THR A 118 2.03 -0.04 -21.99
CA THR A 118 1.91 1.41 -22.14
C THR A 118 0.64 1.91 -21.47
N VAL A 119 0.78 2.92 -20.62
CA VAL A 119 -0.35 3.57 -19.95
C VAL A 119 -0.37 5.03 -20.41
N THR A 120 -1.54 5.48 -20.87
CA THR A 120 -1.73 6.83 -21.36
C THR A 120 -2.94 7.44 -20.68
N VAL A 121 -2.73 8.56 -19.98
CA VAL A 121 -3.80 9.25 -19.26
C VAL A 121 -4.14 10.49 -20.07
N SER A 122 -5.35 10.52 -20.63
CA SER A 122 -5.78 11.66 -21.44
C SER A 122 -7.30 11.73 -21.49
N SER A 123 -7.83 12.96 -21.46
CA SER A 123 -9.26 13.21 -21.58
C SER A 123 -9.63 13.25 -23.06
N ALA A 124 -9.43 12.10 -23.70
CA ALA A 124 -9.63 11.94 -25.14
C ALA A 124 -10.55 10.75 -25.38
N SER A 125 -10.30 9.98 -26.43
CA SER A 125 -11.13 8.82 -26.70
C SER A 125 -10.31 7.79 -27.46
N THR A 126 -10.64 6.51 -27.22
CA THR A 126 -9.92 5.40 -27.82
C THR A 126 -10.24 5.25 -29.29
N LYS A 127 -9.45 5.87 -30.16
CA LYS A 127 -9.67 5.78 -31.59
C LYS A 127 -8.83 4.66 -32.19
N GLY A 128 -9.41 3.94 -33.14
CA GLY A 128 -8.71 2.87 -33.80
C GLY A 128 -7.96 3.33 -35.02
N PRO A 129 -6.93 2.59 -35.41
CA PRO A 129 -6.11 3.00 -36.55
C PRO A 129 -6.64 2.49 -37.88
N SER A 130 -6.63 3.37 -38.87
CA SER A 130 -6.90 2.97 -40.25
C SER A 130 -5.61 2.55 -40.91
N VAL A 131 -5.66 1.45 -41.66
CA VAL A 131 -4.48 0.86 -42.27
C VAL A 131 -4.64 0.93 -43.78
N PHE A 132 -3.71 1.59 -44.44
CA PHE A 132 -3.74 1.77 -45.88
C PHE A 132 -2.46 1.25 -46.50
N PRO A 133 -2.53 0.59 -47.65
CA PRO A 133 -1.32 0.02 -48.26
C PRO A 133 -0.47 1.10 -48.91
N LEU A 134 0.85 0.93 -48.81
CA LEU A 134 1.81 1.78 -49.51
C LEU A 134 2.39 0.99 -50.68
N ALA A 135 1.67 0.97 -51.78
CA ALA A 135 1.98 0.21 -52.98
C ALA A 135 2.87 1.03 -53.90
N PRO A 136 3.80 0.40 -54.62
CA PRO A 136 4.61 1.14 -55.59
C PRO A 136 3.85 1.29 -56.90
N SER A 137 4.13 2.38 -57.61
CA SER A 137 3.40 2.63 -58.85
C SER A 137 3.84 1.63 -59.92
N SER A 138 3.22 1.74 -61.10
CA SER A 138 3.59 0.84 -62.19
C SER A 138 4.98 1.15 -62.72
N LYS A 139 5.26 2.42 -62.99
CA LYS A 139 6.54 2.89 -63.52
C LYS A 139 7.22 3.79 -62.49
N SER A 140 7.64 3.21 -61.35
CA SER A 140 8.28 4.06 -60.35
C SER A 140 9.32 3.35 -59.50
N THR A 141 9.76 2.16 -59.86
CA THR A 141 10.75 1.42 -59.08
C THR A 141 11.98 1.29 -59.98
N SER A 142 12.98 2.14 -59.72
CA SER A 142 14.22 2.15 -60.50
C SER A 142 15.34 1.42 -59.79
N GLY A 143 15.18 0.11 -59.64
CA GLY A 143 16.23 -0.69 -59.04
C GLY A 143 15.78 -2.11 -58.85
N GLY A 144 16.75 -2.97 -58.51
CA GLY A 144 16.42 -4.35 -58.18
C GLY A 144 15.89 -4.49 -56.78
N THR A 145 15.62 -3.37 -56.11
CA THR A 145 15.05 -3.33 -54.79
C THR A 145 13.77 -2.50 -54.86
N ALA A 146 12.68 -3.06 -54.37
CA ALA A 146 11.41 -2.35 -54.33
C ALA A 146 11.05 -2.06 -52.89
N ALA A 147 10.16 -1.08 -52.72
CA ALA A 147 9.70 -0.69 -51.39
C ALA A 147 8.19 -0.74 -51.33
N LEU A 148 7.68 -1.27 -50.22
CA LEU A 148 6.26 -1.31 -49.95
C LEU A 148 6.07 -1.15 -48.45
N GLY A 149 4.84 -0.83 -48.05
CA GLY A 149 4.59 -0.61 -46.65
C GLY A 149 3.11 -0.45 -46.34
N CYS A 150 2.84 0.06 -45.15
CA CYS A 150 1.49 0.27 -44.66
C CYS A 150 1.44 1.54 -43.84
N LEU A 151 0.49 2.42 -44.17
CA LEU A 151 0.23 3.62 -43.39
C LEU A 151 -0.75 3.29 -42.27
N VAL A 152 -0.34 3.53 -41.03
CA VAL A 152 -1.16 3.27 -39.86
C VAL A 152 -1.51 4.63 -39.29
N LYS A 153 -2.71 5.10 -39.59
CA LYS A 153 -3.09 6.49 -39.41
C LYS A 153 -4.21 6.64 -38.40
N ASP A 154 -4.15 7.71 -37.61
CA ASP A 154 -5.26 8.17 -36.79
C ASP A 154 -5.63 7.16 -35.70
N TYR A 155 -4.67 6.90 -34.81
CA TYR A 155 -4.94 6.05 -33.66
C TYR A 155 -4.59 6.79 -32.39
N PHE A 156 -5.13 6.28 -31.29
CA PHE A 156 -4.86 6.80 -29.96
C PHE A 156 -5.21 5.72 -28.95
N PRO A 157 -4.35 5.47 -27.96
CA PRO A 157 -3.07 6.13 -27.77
C PRO A 157 -1.92 5.33 -28.39
N GLU A 158 -0.70 5.67 -28.03
CA GLU A 158 0.41 4.77 -28.25
C GLU A 158 0.23 3.52 -27.38
N PRO A 159 0.79 2.38 -27.78
CA PRO A 159 1.51 2.15 -29.03
C PRO A 159 0.71 1.33 -30.03
N VAL A 160 1.29 1.14 -31.21
CA VAL A 160 0.84 0.12 -32.15
C VAL A 160 2.05 -0.71 -32.52
N THR A 161 1.80 -1.95 -32.89
CA THR A 161 2.85 -2.86 -33.32
C THR A 161 2.55 -3.31 -34.74
N VAL A 162 3.54 -3.27 -35.60
CA VAL A 162 3.40 -3.68 -36.99
C VAL A 162 4.41 -4.79 -37.26
N SER A 163 3.91 -5.92 -37.72
CA SER A 163 4.74 -7.03 -38.15
C SER A 163 4.42 -7.32 -39.62
N TRP A 164 5.35 -7.99 -40.29
CA TRP A 164 5.20 -8.31 -41.70
C TRP A 164 5.17 -9.82 -41.87
N ASN A 165 4.14 -10.31 -42.54
CA ASN A 165 3.93 -11.74 -42.74
C ASN A 165 3.88 -12.48 -41.41
N SER A 166 3.20 -11.87 -40.43
CA SER A 166 3.02 -12.43 -39.09
C SER A 166 4.36 -12.67 -38.39
N GLY A 167 5.34 -11.81 -38.66
CA GLY A 167 6.64 -11.92 -38.04
C GLY A 167 7.68 -12.68 -38.83
N ALA A 168 7.29 -13.30 -39.94
CA ALA A 168 8.25 -14.05 -40.74
C ALA A 168 9.20 -13.15 -41.51
N LEU A 169 8.80 -11.92 -41.78
CA LEU A 169 9.61 -10.95 -42.53
C LEU A 169 10.07 -9.87 -41.57
N THR A 170 11.37 -9.83 -41.29
CA THR A 170 11.93 -8.85 -40.37
C THR A 170 13.06 -8.06 -41.00
N SER A 171 13.76 -8.67 -41.94
CA SER A 171 14.91 -8.01 -42.58
C SER A 171 14.44 -6.86 -43.46
N GLY A 172 15.11 -5.71 -43.32
CA GLY A 172 14.78 -4.55 -44.13
C GLY A 172 13.56 -3.79 -43.69
N VAL A 173 12.94 -4.15 -42.58
CA VAL A 173 11.74 -3.47 -42.10
C VAL A 173 12.14 -2.23 -41.31
N HIS A 174 11.46 -1.12 -41.59
CA HIS A 174 11.62 0.12 -40.83
C HIS A 174 10.25 0.60 -40.39
N THR A 175 9.96 0.47 -39.10
CA THR A 175 8.72 0.98 -38.52
C THR A 175 9.02 2.33 -37.88
N PHE A 176 8.55 3.40 -38.53
CA PHE A 176 8.92 4.74 -38.11
C PHE A 176 8.27 5.08 -36.77
N PRO A 177 8.91 5.92 -35.97
CA PRO A 177 8.26 6.39 -34.74
C PRO A 177 7.02 7.22 -35.07
N ALA A 178 6.05 7.14 -34.18
CA ALA A 178 4.78 7.82 -34.40
C ALA A 178 4.98 9.34 -34.39
N VAL A 179 4.00 10.04 -34.97
CA VAL A 179 3.95 11.49 -34.95
C VAL A 179 2.57 11.90 -34.45
N LEU A 180 2.51 12.97 -33.68
CA LEU A 180 1.25 13.49 -33.16
C LEU A 180 0.73 14.54 -34.13
N GLN A 181 -0.40 14.26 -34.76
CA GLN A 181 -0.96 15.19 -35.73
C GLN A 181 -1.70 16.31 -35.01
N SER A 182 -2.09 17.33 -35.79
CA SER A 182 -2.84 18.45 -35.22
C SER A 182 -4.19 18.00 -34.70
N SER A 183 -4.79 16.97 -35.30
CA SER A 183 -6.06 16.44 -34.84
C SER A 183 -5.98 15.92 -33.41
N GLY A 184 -4.80 15.44 -33.00
CA GLY A 184 -4.60 14.85 -31.69
C GLY A 184 -4.30 13.37 -31.73
N LEU A 185 -4.32 12.76 -32.91
CA LEU A 185 -4.07 11.34 -33.08
C LEU A 185 -2.64 11.09 -33.53
N TYR A 186 -2.25 9.81 -33.46
CA TYR A 186 -0.93 9.36 -33.84
C TYR A 186 -0.99 8.65 -35.19
N SER A 187 0.12 8.69 -35.92
CA SER A 187 0.21 8.06 -37.22
CA SER A 187 0.21 8.07 -37.22
C SER A 187 1.66 7.71 -37.50
N LEU A 188 1.87 6.55 -38.13
CA LEU A 188 3.20 6.09 -38.49
C LEU A 188 3.10 5.19 -39.70
N SER A 189 4.20 5.08 -40.42
CA SER A 189 4.30 4.18 -41.56
C SER A 189 5.36 3.12 -41.29
N SER A 190 5.07 1.88 -41.67
CA SER A 190 6.01 0.78 -41.56
C SER A 190 6.32 0.30 -42.97
N VAL A 191 7.61 0.35 -43.34
CA VAL A 191 8.03 0.02 -44.69
C VAL A 191 8.99 -1.16 -44.64
N VAL A 192 9.18 -1.78 -45.80
CA VAL A 192 10.12 -2.88 -45.94
C VAL A 192 10.63 -2.89 -47.38
N THR A 193 11.93 -3.08 -47.53
CA THR A 193 12.56 -3.20 -48.85
C THR A 193 12.71 -4.67 -49.19
N VAL A 194 12.23 -5.05 -50.38
CA VAL A 194 12.23 -6.44 -50.82
C VAL A 194 12.78 -6.48 -52.23
N PRO A 195 13.26 -7.64 -52.68
CA PRO A 195 13.68 -7.77 -54.08
C PRO A 195 12.53 -7.45 -55.02
N SER A 196 12.81 -6.60 -56.00
CA SER A 196 11.80 -6.21 -56.98
C SER A 196 11.27 -7.43 -57.73
N SER A 197 12.07 -8.50 -57.83
CA SER A 197 11.61 -9.71 -58.48
C SER A 197 10.51 -10.41 -57.68
N SER A 198 10.46 -10.18 -56.36
CA SER A 198 9.51 -10.85 -55.49
C SER A 198 8.12 -10.21 -55.52
N LEU A 199 7.94 -9.10 -56.23
CA LEU A 199 6.65 -8.42 -56.23
C LEU A 199 5.57 -9.24 -56.93
N GLY A 200 5.93 -9.99 -57.97
CA GLY A 200 4.93 -10.74 -58.71
C GLY A 200 4.60 -12.10 -58.11
N THR A 201 5.53 -12.69 -57.37
CA THR A 201 5.38 -14.06 -56.90
C THR A 201 5.06 -14.19 -55.42
N GLN A 202 5.47 -13.23 -54.58
CA GLN A 202 5.34 -13.36 -53.14
C GLN A 202 4.27 -12.42 -52.60
N THR A 203 3.72 -12.80 -51.44
CA THR A 203 2.66 -12.07 -50.78
C THR A 203 3.23 -11.33 -49.57
N TYR A 204 2.88 -10.06 -49.44
CA TYR A 204 3.35 -9.23 -48.33
C TYR A 204 2.14 -8.69 -47.57
N ILE A 205 2.07 -9.01 -46.28
CA ILE A 205 0.97 -8.59 -45.41
C ILE A 205 1.55 -7.92 -44.18
N CYS A 206 1.04 -6.75 -43.85
CA CYS A 206 1.39 -6.07 -42.61
C CYS A 206 0.32 -6.34 -41.56
N ASN A 207 0.75 -6.61 -40.33
CA ASN A 207 -0.14 -6.97 -39.24
C ASN A 207 -0.05 -5.89 -38.17
N VAL A 208 -1.10 -5.10 -38.04
CA VAL A 208 -1.14 -3.97 -37.12
C VAL A 208 -1.97 -4.36 -35.91
N ASN A 209 -1.44 -4.10 -34.71
CA ASN A 209 -2.11 -4.44 -33.47
C ASN A 209 -2.15 -3.22 -32.57
N HIS A 210 -3.35 -2.84 -32.13
CA HIS A 210 -3.55 -1.73 -31.21
C HIS A 210 -4.30 -2.28 -29.99
N LYS A 211 -3.55 -2.63 -28.95
CA LYS A 211 -4.16 -3.28 -27.79
C LYS A 211 -5.19 -2.42 -27.05
N PRO A 212 -4.99 -1.12 -26.83
CA PRO A 212 -6.03 -0.35 -26.11
C PRO A 212 -7.40 -0.40 -26.75
N SER A 213 -7.47 -0.53 -28.08
CA SER A 213 -8.74 -0.61 -28.78
C SER A 213 -9.05 -2.02 -29.28
N ASN A 214 -8.20 -2.99 -28.96
CA ASN A 214 -8.36 -4.37 -29.43
C ASN A 214 -8.44 -4.44 -30.95
N THR A 215 -7.74 -3.54 -31.63
CA THR A 215 -7.74 -3.49 -33.08
C THR A 215 -6.66 -4.41 -33.65
N LYS A 216 -7.07 -5.33 -34.52
CA LYS A 216 -6.15 -6.17 -35.27
C LYS A 216 -6.54 -6.10 -36.73
N VAL A 217 -5.61 -5.64 -37.58
CA VAL A 217 -5.88 -5.42 -38.99
C VAL A 217 -4.77 -6.02 -39.82
N ASP A 218 -5.14 -6.87 -40.77
CA ASP A 218 -4.22 -7.38 -41.78
C ASP A 218 -4.52 -6.69 -43.11
N LYS A 219 -3.47 -6.28 -43.81
CA LYS A 219 -3.61 -5.54 -45.05
C LYS A 219 -2.58 -6.08 -46.05
N ARG A 220 -3.08 -6.72 -47.11
CA ARG A 220 -2.20 -7.20 -48.16
C ARG A 220 -1.72 -6.04 -49.03
N VAL A 221 -0.41 -5.97 -49.24
CA VAL A 221 0.20 -4.91 -50.02
C VAL A 221 0.58 -5.50 -51.37
N GLU A 222 -0.17 -5.14 -52.41
CA GLU A 222 0.06 -5.64 -53.75
C GLU A 222 0.30 -4.48 -54.71
N PRO A 223 1.01 -4.72 -55.81
CA PRO A 223 1.22 -3.66 -56.81
C PRO A 223 -0.12 -3.17 -57.36
N LYS A 224 -0.12 -1.90 -57.77
CA LYS A 224 -1.34 -1.28 -58.30
C LYS A 224 -1.51 -1.56 -59.79
N LEU B 6 61.09 -20.18 19.08
CA LEU B 6 60.86 -19.81 17.69
C LEU B 6 59.46 -19.23 17.49
N CYS B 7 59.41 -18.07 16.84
CA CYS B 7 58.15 -17.38 16.62
C CYS B 7 57.19 -18.26 15.81
N PRO B 8 55.94 -18.41 16.25
CA PRO B 8 55.02 -19.31 15.53
C PRO B 8 54.56 -18.77 14.20
N PHE B 9 55.41 -18.84 13.18
CA PHE B 9 55.03 -18.43 11.83
C PHE B 9 54.38 -19.54 11.03
N ASP B 10 54.72 -20.81 11.33
CA ASP B 10 54.09 -21.92 10.63
C ASP B 10 52.60 -22.03 10.93
N GLU B 11 52.20 -21.69 12.15
CA GLU B 11 50.78 -21.76 12.51
C GLU B 11 49.92 -20.76 11.75
N VAL B 12 50.52 -19.70 11.23
CA VAL B 12 49.75 -18.66 10.53
C VAL B 12 49.68 -18.93 9.03
N PHE B 13 50.81 -19.28 8.41
CA PHE B 13 50.82 -19.52 6.98
C PHE B 13 50.28 -20.91 6.63
N ASN B 14 50.67 -21.93 7.38
CA ASN B 14 50.26 -23.30 7.10
C ASN B 14 48.93 -23.65 7.77
N ALA B 15 48.16 -22.65 8.19
CA ALA B 15 46.85 -22.91 8.78
C ALA B 15 45.91 -23.53 7.76
N THR B 16 45.17 -24.55 8.20
CA THR B 16 44.26 -25.25 7.28
C THR B 16 43.04 -24.42 6.95
N ARG B 17 42.54 -23.63 7.90
CA ARG B 17 41.37 -22.78 7.69
C ARG B 17 41.70 -21.35 8.08
N PHE B 18 41.33 -20.41 7.21
CA PHE B 18 41.51 -18.99 7.46
C PHE B 18 40.19 -18.36 7.87
N ALA B 19 40.29 -17.15 8.43
CA ALA B 19 39.12 -16.42 8.88
C ALA B 19 38.59 -15.53 7.78
N SER B 20 37.34 -15.07 7.96
CA SER B 20 36.76 -14.10 7.04
C SER B 20 37.40 -12.73 7.23
N VAL B 21 37.31 -11.91 6.19
CA VAL B 21 37.97 -10.60 6.23
C VAL B 21 37.33 -9.69 7.26
N TYR B 22 36.02 -9.82 7.49
CA TYR B 22 35.37 -8.97 8.48
C TYR B 22 35.76 -9.37 9.90
N ALA B 23 36.03 -10.65 10.12
CA ALA B 23 36.47 -11.14 11.42
C ALA B 23 37.88 -11.69 11.32
N TRP B 24 38.82 -10.87 10.85
CA TRP B 24 40.19 -11.30 10.63
C TRP B 24 40.85 -11.68 11.96
N ASN B 25 41.58 -12.79 11.95
CA ASN B 25 42.28 -13.27 13.13
C ASN B 25 43.64 -12.61 13.25
N ARG B 26 44.06 -12.35 14.48
CA ARG B 26 45.37 -11.76 14.76
C ARG B 26 46.10 -12.61 15.78
N LYS B 27 47.32 -13.02 15.43
CA LYS B 27 48.17 -13.82 16.31
C LYS B 27 49.25 -12.91 16.88
N ARG B 28 49.20 -12.69 18.20
CA ARG B 28 50.18 -11.84 18.87
C ARG B 28 51.45 -12.65 19.12
N ILE B 29 52.54 -12.26 18.47
CA ILE B 29 53.80 -12.99 18.52
C ILE B 29 54.83 -12.12 19.24
N SER B 30 55.38 -12.65 20.33
CA SER B 30 56.34 -11.89 21.13
C SER B 30 57.24 -12.86 21.88
N ASN B 31 58.42 -12.36 22.26
CA ASN B 31 59.42 -13.10 23.04
C ASN B 31 59.77 -14.42 22.36
N CYS B 32 60.42 -14.29 21.20
CA CYS B 32 60.77 -15.44 20.39
C CYS B 32 61.87 -15.06 19.42
N VAL B 33 62.47 -16.08 18.82
CA VAL B 33 63.49 -15.90 17.78
C VAL B 33 62.82 -16.07 16.43
N ALA B 34 62.87 -15.03 15.61
CA ALA B 34 62.13 -14.99 14.36
C ALA B 34 62.95 -15.65 13.26
N ASP B 35 62.53 -16.84 12.83
CA ASP B 35 63.16 -17.53 11.71
C ASP B 35 62.50 -17.03 10.42
N TYR B 36 62.89 -15.83 10.01
CA TYR B 36 62.39 -15.25 8.77
C TYR B 36 62.80 -16.11 7.59
N SER B 37 61.87 -16.92 7.09
CA SER B 37 62.13 -17.80 5.95
C SER B 37 60.88 -17.96 5.11
N VAL B 38 59.72 -17.87 5.77
CA VAL B 38 58.45 -17.97 5.05
C VAL B 38 58.19 -16.69 4.24
N LEU B 39 58.53 -15.53 4.79
CA LEU B 39 58.44 -14.27 4.07
C LEU B 39 59.77 -13.86 3.46
N TYR B 40 60.87 -14.35 4.02
CA TYR B 40 62.21 -13.99 3.57
C TYR B 40 62.41 -14.29 2.09
N ASN B 41 61.75 -15.34 1.59
CA ASN B 41 61.87 -15.71 0.18
C ASN B 41 60.55 -16.34 -0.27
N LEU B 42 60.00 -15.80 -1.34
CA LEU B 42 58.70 -16.24 -1.84
C LEU B 42 58.73 -16.45 -3.35
N PHE B 45 54.14 -17.81 -6.87
CA PHE B 45 52.72 -17.71 -6.51
C PHE B 45 52.54 -17.10 -5.13
N PHE B 46 53.45 -16.20 -4.75
CA PHE B 46 53.41 -15.52 -3.46
C PHE B 46 53.64 -14.03 -3.68
N THR B 47 52.65 -13.21 -3.37
CA THR B 47 52.81 -11.77 -3.43
C THR B 47 53.34 -11.22 -2.12
N PHE B 48 54.15 -10.17 -2.22
CA PHE B 48 54.89 -9.66 -1.07
C PHE B 48 55.01 -8.14 -1.20
N LYS B 49 54.31 -7.40 -0.33
CA LYS B 49 54.32 -5.94 -0.31
C LYS B 49 54.72 -5.49 1.09
N CYS B 50 55.82 -4.74 1.18
CA CYS B 50 56.33 -4.21 2.44
C CYS B 50 56.17 -2.70 2.52
N TYR B 51 55.90 -2.22 3.73
CA TYR B 51 55.68 -0.80 3.97
C TYR B 51 56.44 -0.39 5.21
N GLY B 52 57.24 0.68 5.10
CA GLY B 52 57.95 1.23 6.24
C GLY B 52 59.20 0.50 6.67
N VAL B 53 59.46 -0.70 6.16
CA VAL B 53 60.61 -1.49 6.58
C VAL B 53 61.05 -2.39 5.43
N SER B 54 62.34 -2.70 5.38
CA SER B 54 62.97 -3.57 4.40
C SER B 54 63.10 -4.99 4.94
N PRO B 55 62.79 -5.99 4.11
CA PRO B 55 62.86 -7.38 4.60
C PRO B 55 64.28 -7.86 4.85
N THR B 56 65.23 -7.45 4.01
CA THR B 56 66.62 -7.82 4.20
C THR B 56 67.21 -7.24 5.48
N LYS B 57 66.52 -6.30 6.12
CA LYS B 57 66.94 -5.73 7.38
C LYS B 57 66.15 -6.25 8.57
N LEU B 58 65.16 -7.12 8.32
CA LEU B 58 64.33 -7.63 9.41
C LEU B 58 65.11 -8.54 10.36
N ASN B 59 66.11 -9.26 9.84
CA ASN B 59 66.92 -10.12 10.69
C ASN B 59 67.83 -9.32 11.62
N ASP B 60 68.03 -8.03 11.34
CA ASP B 60 68.90 -7.19 12.14
C ASP B 60 68.12 -6.22 13.02
N LEU B 61 66.81 -6.43 13.18
CA LEU B 61 65.97 -5.53 13.96
C LEU B 61 65.19 -6.33 15.01
N CYS B 62 65.08 -5.75 16.20
CA CYS B 62 64.28 -6.30 17.28
C CYS B 62 63.03 -5.44 17.46
N PHE B 63 61.89 -6.09 17.61
CA PHE B 63 60.61 -5.40 17.76
C PHE B 63 59.98 -5.76 19.10
N THR B 64 59.11 -4.87 19.58
CA THR B 64 58.41 -5.13 20.83
C THR B 64 57.34 -6.21 20.64
N ASN B 65 56.48 -6.04 19.64
CA ASN B 65 55.46 -7.02 19.32
C ASN B 65 55.31 -7.10 17.80
N VAL B 66 55.02 -8.30 17.31
CA VAL B 66 54.77 -8.54 15.90
C VAL B 66 53.42 -9.21 15.77
N TYR B 67 52.50 -8.56 15.05
CA TYR B 67 51.13 -9.03 14.91
C TYR B 67 50.95 -9.70 13.56
N ALA B 68 50.30 -10.86 13.56
CA ALA B 68 50.07 -11.66 12.35
C ALA B 68 48.57 -11.69 12.07
N ASP B 69 48.13 -10.87 11.11
CA ASP B 69 46.74 -10.80 10.71
C ASP B 69 46.52 -11.69 9.49
N SER B 70 45.52 -12.56 9.56
CA SER B 70 45.23 -13.49 8.47
C SER B 70 43.74 -13.48 8.18
N PHE B 71 43.39 -13.52 6.90
CA PHE B 71 42.01 -13.53 6.43
C PHE B 71 42.01 -13.96 4.97
N VAL B 72 40.85 -13.87 4.32
CA VAL B 72 40.69 -14.31 2.94
C VAL B 72 39.83 -13.30 2.19
N ILE B 73 40.29 -12.88 1.02
CA ILE B 73 39.54 -12.04 0.10
C ILE B 73 39.68 -12.61 -1.30
N ARG B 74 39.11 -11.91 -2.27
CA ARG B 74 39.24 -12.30 -3.67
C ARG B 74 40.33 -11.48 -4.34
N GLY B 75 40.72 -11.91 -5.55
CA GLY B 75 41.90 -11.35 -6.19
C GLY B 75 41.80 -9.85 -6.45
N ASP B 76 40.61 -9.38 -6.85
CA ASP B 76 40.45 -7.97 -7.16
C ASP B 76 40.48 -7.08 -5.93
N GLU B 77 40.55 -7.65 -4.72
CA GLU B 77 40.53 -6.88 -3.49
C GLU B 77 41.87 -6.90 -2.75
N VAL B 78 42.87 -7.59 -3.28
CA VAL B 78 44.18 -7.63 -2.62
C VAL B 78 44.86 -6.28 -2.68
N ARG B 79 44.60 -5.50 -3.73
CA ARG B 79 45.21 -4.18 -3.87
C ARG B 79 44.76 -3.22 -2.78
N GLN B 80 43.67 -3.53 -2.07
CA GLN B 80 43.19 -2.65 -1.01
C GLN B 80 43.90 -2.88 0.31
N ILE B 81 44.51 -4.05 0.52
CA ILE B 81 45.25 -4.32 1.74
C ILE B 81 46.58 -3.59 1.68
N ALA B 82 46.53 -2.27 1.87
CA ALA B 82 47.72 -1.44 1.80
C ALA B 82 47.39 -0.10 2.45
N PRO B 83 48.41 0.62 2.95
CA PRO B 83 48.15 1.94 3.51
C PRO B 83 47.63 2.92 2.46
N GLY B 84 46.68 3.74 2.88
CA GLY B 84 46.10 4.74 2.00
C GLY B 84 45.30 4.14 0.86
N GLN B 85 44.44 3.18 1.17
CA GLN B 85 43.59 2.54 0.18
C GLN B 85 42.14 2.64 0.61
N THR B 86 41.24 2.72 -0.38
CA THR B 86 39.81 2.79 -0.14
C THR B 86 39.12 1.66 -0.89
N GLY B 87 37.90 1.35 -0.44
CA GLY B 87 37.12 0.26 -0.99
C GLY B 87 36.29 -0.44 0.05
N ASN B 88 35.51 -1.45 -0.36
CA ASN B 88 34.65 -2.15 0.59
C ASN B 88 35.46 -2.92 1.61
N ILE B 89 36.60 -3.50 1.20
CA ILE B 89 37.44 -4.24 2.13
C ILE B 89 38.21 -3.29 3.03
N ALA B 90 38.78 -2.23 2.46
CA ALA B 90 39.60 -1.31 3.26
C ALA B 90 38.75 -0.52 4.24
N ASP B 91 37.59 -0.02 3.80
CA ASP B 91 36.79 0.86 4.64
C ASP B 91 35.92 0.10 5.63
N TYR B 92 35.49 -1.12 5.29
CA TYR B 92 34.48 -1.82 6.07
C TYR B 92 34.93 -3.17 6.60
N ASN B 93 36.16 -3.59 6.36
CA ASN B 93 36.59 -4.91 6.80
C ASN B 93 37.93 -4.89 7.50
N TYR B 94 38.98 -4.45 6.80
CA TYR B 94 40.32 -4.46 7.37
C TYR B 94 41.08 -3.25 6.81
N LYS B 95 41.38 -2.29 7.68
CA LYS B 95 42.06 -1.06 7.28
C LYS B 95 43.48 -1.03 7.84
N LEU B 96 44.42 -0.58 7.01
CA LEU B 96 45.80 -0.37 7.42
C LEU B 96 46.07 1.13 7.57
N PRO B 97 46.81 1.54 8.59
CA PRO B 97 47.08 2.96 8.79
C PRO B 97 47.98 3.51 7.68
N ASP B 98 48.03 4.85 7.60
CA ASP B 98 48.83 5.49 6.57
C ASP B 98 50.32 5.31 6.81
N ASP B 99 50.73 5.26 8.08
CA ASP B 99 52.13 5.01 8.45
C ASP B 99 52.36 3.55 8.81
N PHE B 100 51.76 2.63 8.06
CA PHE B 100 51.86 1.22 8.37
C PHE B 100 53.29 0.74 8.19
N THR B 101 53.84 0.11 9.23
CA THR B 101 55.19 -0.43 9.22
C THR B 101 55.07 -1.95 9.26
N GLY B 102 55.23 -2.58 8.10
CA GLY B 102 55.13 -4.02 8.01
C GLY B 102 55.01 -4.45 6.56
N CYS B 103 54.74 -5.74 6.38
CA CYS B 103 54.65 -6.32 5.06
C CYS B 103 53.31 -7.05 4.91
N VAL B 104 52.88 -7.18 3.66
CA VAL B 104 51.63 -7.87 3.30
C VAL B 104 51.97 -9.04 2.39
N ILE B 105 51.41 -10.20 2.67
CA ILE B 105 51.65 -11.43 1.91
C ILE B 105 50.31 -11.99 1.47
N ALA B 106 50.20 -12.34 0.19
CA ALA B 106 48.97 -12.88 -0.36
C ALA B 106 49.31 -13.86 -1.47
N TRP B 107 48.56 -14.96 -1.52
CA TRP B 107 48.75 -15.99 -2.53
C TRP B 107 47.42 -16.57 -2.95
N ASN B 108 47.35 -17.02 -4.19
CA ASN B 108 46.12 -17.59 -4.73
C ASN B 108 45.84 -18.94 -4.07
N SER B 109 44.68 -19.03 -3.40
CA SER B 109 44.29 -20.28 -2.74
C SER B 109 43.05 -20.85 -3.40
N ASN B 110 43.02 -20.90 -4.73
CA ASN B 110 41.86 -21.43 -5.43
C ASN B 110 41.73 -22.93 -5.25
N LYS B 111 42.84 -23.63 -5.00
CA LYS B 111 42.82 -25.07 -4.79
C LYS B 111 42.45 -25.45 -3.36
N LEU B 112 42.20 -24.48 -2.48
CA LEU B 112 41.94 -24.75 -1.08
C LEU B 112 40.59 -24.22 -0.60
N ASP B 113 40.21 -23.01 -1.01
CA ASP B 113 39.03 -22.34 -0.47
C ASP B 113 37.90 -22.20 -1.48
N SER B 114 37.93 -22.99 -2.55
CA SER B 114 36.90 -22.93 -3.58
C SER B 114 36.33 -24.32 -3.81
N LYS B 115 35.03 -24.47 -3.62
CA LYS B 115 34.33 -25.72 -3.87
C LYS B 115 33.54 -25.63 -5.18
N VAL B 116 33.23 -26.80 -5.73
CA VAL B 116 32.51 -26.86 -7.00
C VAL B 116 31.11 -26.28 -6.83
N SER B 117 30.45 -26.58 -5.73
CA SER B 117 29.11 -26.08 -5.44
C SER B 117 29.14 -24.69 -4.77
N GLY B 118 30.30 -24.06 -4.71
CA GLY B 118 30.41 -22.76 -4.06
C GLY B 118 30.75 -22.86 -2.60
N ASN B 119 31.75 -22.11 -2.15
CA ASN B 119 32.19 -22.09 -0.76
C ASN B 119 31.69 -20.79 -0.13
N TYR B 120 30.45 -20.82 0.36
CA TYR B 120 29.82 -19.65 0.98
C TYR B 120 30.27 -19.44 2.43
N ASN B 121 31.30 -20.16 2.89
CA ASN B 121 31.72 -20.04 4.28
C ASN B 121 32.40 -18.71 4.56
N TYR B 122 33.21 -18.23 3.62
CA TYR B 122 33.92 -16.97 3.80
C TYR B 122 32.96 -15.81 3.58
N LEU B 123 32.99 -14.85 4.50
CA LEU B 123 32.07 -13.72 4.48
C LEU B 123 32.85 -12.41 4.43
N TYR B 124 32.13 -11.34 4.15
CA TYR B 124 32.71 -10.00 4.10
C TYR B 124 31.62 -8.98 4.36
N ARG B 125 32.01 -7.85 4.94
CA ARG B 125 31.06 -6.83 5.36
C ARG B 125 30.77 -5.87 4.21
N LEU B 126 29.50 -5.70 3.89
CA LEU B 126 29.07 -4.80 2.81
C LEU B 126 28.80 -3.40 3.35
N PHE B 127 27.80 -3.27 4.21
CA PHE B 127 27.34 -1.96 4.67
C PHE B 127 27.91 -1.64 6.04
N ARG B 128 28.26 -0.37 6.23
CA ARG B 128 28.68 0.14 7.53
C ARG B 128 28.50 1.65 7.51
N LYS B 129 28.04 2.21 8.64
CA LYS B 129 27.68 3.61 8.68
C LYS B 129 28.89 4.53 8.49
N SER B 130 30.07 4.09 8.92
CA SER B 130 31.28 4.87 8.79
C SER B 130 32.43 3.95 8.43
N ASN B 131 33.59 4.57 8.13
CA ASN B 131 34.77 3.80 7.77
C ASN B 131 35.44 3.23 9.01
N LEU B 132 36.24 2.18 8.81
CA LEU B 132 36.95 1.55 9.90
C LEU B 132 38.25 2.29 10.21
N LYS B 133 38.55 2.42 11.49
CA LYS B 133 39.84 2.91 11.91
C LYS B 133 40.91 1.87 11.62
N PRO B 134 42.18 2.26 11.58
CA PRO B 134 43.25 1.28 11.36
C PRO B 134 43.23 0.20 12.43
N PHE B 135 43.31 -1.06 11.98
CA PHE B 135 43.33 -2.22 12.87
C PHE B 135 42.05 -2.31 13.71
N GLU B 136 40.91 -2.06 13.08
CA GLU B 136 39.61 -2.18 13.73
C GLU B 136 38.89 -3.40 13.19
N ARG B 137 38.32 -4.20 14.08
CA ARG B 137 37.60 -5.42 13.73
C ARG B 137 36.16 -5.29 14.21
N ASP B 138 35.22 -5.28 13.27
CA ASP B 138 33.81 -5.13 13.56
C ASP B 138 33.11 -6.43 13.19
N ILE B 139 32.68 -7.19 14.20
CA ILE B 139 31.98 -8.44 13.99
C ILE B 139 30.47 -8.28 14.24
N SER B 140 29.98 -7.04 14.28
CA SER B 140 28.56 -6.80 14.52
C SER B 140 27.74 -7.26 13.32
N THR B 141 26.60 -7.88 13.61
CA THR B 141 25.68 -8.35 12.57
C THR B 141 24.31 -7.70 12.71
N GLU B 142 24.29 -6.44 13.17
CA GLU B 142 23.04 -5.72 13.32
C GLU B 142 22.52 -5.28 11.95
N ILE B 143 21.20 -5.34 11.78
CA ILE B 143 20.58 -5.00 10.50
C ILE B 143 20.92 -3.55 10.17
N TYR B 144 21.59 -3.36 9.03
CA TYR B 144 22.03 -2.02 8.64
C TYR B 144 20.84 -1.17 8.22
N GLN B 145 20.71 0.01 8.83
CA GLN B 145 19.64 0.95 8.51
C GLN B 145 20.15 1.89 7.42
N ALA B 146 19.56 1.79 6.23
CA ALA B 146 19.92 2.69 5.14
C ALA B 146 18.89 3.78 4.92
N GLY B 147 17.63 3.55 5.27
CA GLY B 147 16.56 4.50 5.04
C GLY B 147 16.25 5.33 6.28
N ASN B 148 15.06 5.92 6.27
CA ASN B 148 14.65 6.81 7.35
C ASN B 148 13.85 6.09 8.44
N LYS B 149 13.33 4.93 8.15
CA LYS B 149 12.57 4.19 9.15
C LYS B 149 13.49 3.26 9.92
N PRO B 150 13.17 2.92 11.17
CA PRO B 150 14.03 1.98 11.89
C PRO B 150 13.82 0.57 11.39
N CYS B 151 14.79 -0.30 11.72
CA CYS B 151 14.76 -1.68 11.28
C CYS B 151 14.28 -2.61 12.38
N ASN B 152 14.80 -2.45 13.60
CA ASN B 152 14.43 -3.28 14.75
C ASN B 152 14.67 -4.75 14.45
N GLY B 153 15.81 -5.06 13.83
CA GLY B 153 16.15 -6.43 13.51
C GLY B 153 15.28 -7.06 12.44
N VAL B 154 14.86 -6.28 11.45
CA VAL B 154 14.02 -6.75 10.35
C VAL B 154 14.80 -6.62 9.05
N ALA B 155 14.87 -7.71 8.29
CA ALA B 155 15.58 -7.74 7.02
C ALA B 155 14.56 -7.46 5.92
N GLY B 156 14.65 -6.27 5.33
CA GLY B 156 13.75 -5.91 4.24
C GLY B 156 14.28 -4.80 3.35
N PHE B 157 13.40 -3.89 2.95
CA PHE B 157 13.82 -2.75 2.14
C PHE B 157 14.57 -1.77 3.02
N ASN B 158 15.77 -1.37 2.58
CA ASN B 158 16.63 -0.44 3.30
C ASN B 158 17.05 -0.97 4.67
N CYS B 159 17.00 -2.30 4.86
CA CYS B 159 17.41 -2.95 6.11
C CYS B 159 17.99 -4.32 5.72
N TYR B 160 19.21 -4.32 5.21
CA TYR B 160 19.85 -5.53 4.71
C TYR B 160 20.87 -6.12 5.70
N PHE B 161 21.20 -7.38 5.46
CA PHE B 161 22.23 -8.05 6.24
C PHE B 161 23.58 -7.40 5.94
N PRO B 162 24.35 -6.98 6.95
CA PRO B 162 25.63 -6.32 6.67
C PRO B 162 26.72 -7.27 6.20
N LEU B 163 26.44 -8.56 6.12
CA LEU B 163 27.42 -9.56 5.70
C LEU B 163 26.87 -10.34 4.52
N ARG B 164 27.75 -10.66 3.57
CA ARG B 164 27.42 -11.44 2.39
C ARG B 164 28.49 -12.49 2.19
N SER B 165 28.18 -13.49 1.36
CA SER B 165 29.10 -14.58 1.09
C SER B 165 29.89 -14.31 -0.19
N TYR B 166 31.06 -14.95 -0.27
CA TYR B 166 31.93 -14.79 -1.44
C TYR B 166 31.58 -15.76 -2.55
N SER B 167 31.16 -16.98 -2.20
CA SER B 167 30.81 -18.04 -3.16
C SER B 167 31.99 -18.30 -4.11
N PHE B 168 33.05 -18.86 -3.53
CA PHE B 168 34.27 -19.15 -4.26
C PHE B 168 34.10 -20.43 -5.06
N ARG B 169 34.01 -20.31 -6.38
CA ARG B 169 33.97 -21.45 -7.29
C ARG B 169 35.21 -21.46 -8.16
N PRO B 170 35.79 -22.64 -8.42
CA PRO B 170 37.05 -22.70 -9.17
C PRO B 170 36.93 -22.24 -10.62
N THR B 171 35.72 -22.25 -11.19
CA THR B 171 35.54 -21.86 -12.58
C THR B 171 35.48 -20.35 -12.78
N TYR B 172 35.63 -19.56 -11.71
CA TYR B 172 35.59 -18.12 -11.84
C TYR B 172 36.94 -17.58 -12.31
N GLY B 173 36.96 -16.30 -12.68
CA GLY B 173 38.18 -15.65 -13.07
C GLY B 173 39.12 -15.45 -11.89
N VAL B 174 40.35 -15.06 -12.23
CA VAL B 174 41.38 -14.87 -11.20
C VAL B 174 40.98 -13.76 -10.22
N GLY B 175 40.26 -12.75 -10.71
CA GLY B 175 39.82 -11.68 -9.84
C GLY B 175 38.75 -12.07 -8.85
N HIS B 176 38.12 -13.23 -9.02
CA HIS B 176 37.08 -13.71 -8.12
C HIS B 176 37.49 -14.98 -7.39
N GLN B 177 38.77 -15.38 -7.48
CA GLN B 177 39.28 -16.55 -6.79
C GLN B 177 39.81 -16.17 -5.41
N PRO B 178 39.76 -17.09 -4.44
CA PRO B 178 40.17 -16.75 -3.08
C PRO B 178 41.67 -16.52 -2.97
N TYR B 179 42.05 -15.50 -2.21
CA TYR B 179 43.44 -15.19 -1.92
C TYR B 179 43.59 -15.09 -0.40
N ARG B 180 44.50 -15.89 0.16
CA ARG B 180 44.79 -15.84 1.58
C ARG B 180 45.82 -14.76 1.84
N VAL B 181 45.50 -13.84 2.74
CA VAL B 181 46.34 -12.68 3.02
C VAL B 181 46.89 -12.81 4.44
N VAL B 182 48.18 -12.50 4.59
CA VAL B 182 48.84 -12.49 5.89
C VAL B 182 49.56 -11.16 6.03
N VAL B 183 49.07 -10.32 6.95
CA VAL B 183 49.64 -9.00 7.19
C VAL B 183 50.45 -9.05 8.47
N LEU B 184 51.73 -8.73 8.37
CA LEU B 184 52.65 -8.76 9.51
C LEU B 184 52.99 -7.32 9.89
N SER B 185 52.57 -6.92 11.08
CA SER B 185 52.86 -5.59 11.61
C SER B 185 54.04 -5.67 12.56
N PHE B 186 54.96 -4.71 12.43
CA PHE B 186 56.16 -4.63 13.26
C PHE B 186 56.03 -3.41 14.15
N GLU B 187 55.85 -3.65 15.45
CA GLU B 187 55.62 -2.57 16.40
C GLU B 187 56.87 -2.30 17.24
N PRO B 192 60.42 -3.24 26.19
CA PRO B 192 61.54 -4.11 25.85
C PRO B 192 61.34 -4.86 24.54
N ALA B 193 62.30 -4.73 23.62
CA ALA B 193 62.25 -5.42 22.34
C ALA B 193 62.59 -6.89 22.52
N THR B 194 61.66 -7.77 22.15
CA THR B 194 61.82 -9.20 22.36
C THR B 194 61.78 -10.03 21.09
N VAL B 195 61.20 -9.54 20.00
CA VAL B 195 61.10 -10.29 18.76
C VAL B 195 62.31 -9.90 17.90
N CYS B 196 63.40 -10.65 18.07
CA CYS B 196 64.59 -10.42 17.28
C CYS B 196 64.75 -11.47 16.19
N ALA C 1 17.66 13.18 -1.24
CA ALA C 1 17.58 12.18 -2.30
C ALA C 1 18.97 11.83 -2.82
N ILE C 2 19.02 10.97 -3.83
CA ILE C 2 20.28 10.52 -4.40
C ILE C 2 20.29 10.84 -5.89
N GLN C 3 20.39 12.13 -6.22
CA GLN C 3 20.42 12.55 -7.61
C GLN C 3 21.61 11.92 -8.34
N MET C 4 21.34 11.38 -9.53
CA MET C 4 22.35 10.73 -10.36
C MET C 4 22.58 11.57 -11.61
N THR C 5 23.78 12.12 -11.74
CA THR C 5 24.13 12.99 -12.85
C THR C 5 25.10 12.28 -13.77
N GLN C 6 24.69 12.07 -15.01
CA GLN C 6 25.53 11.43 -16.02
C GLN C 6 26.14 12.48 -16.94
N SER C 7 27.36 12.19 -17.41
CA SER C 7 28.06 13.04 -18.34
C SER C 7 28.85 12.12 -19.26
N PRO C 8 28.76 12.29 -20.58
CA PRO C 8 27.94 13.30 -21.25
C PRO C 8 26.48 12.90 -21.39
N SER C 9 25.63 13.85 -21.81
CA SER C 9 24.25 13.52 -22.13
C SER C 9 24.15 12.82 -23.48
N SER C 10 25.11 13.08 -24.36
CA SER C 10 25.14 12.46 -25.68
C SER C 10 26.58 12.46 -26.18
N LEU C 11 26.92 11.43 -26.96
CA LEU C 11 28.25 11.34 -27.52
C LEU C 11 28.19 10.62 -28.86
N SER C 12 29.16 10.90 -29.71
CA SER C 12 29.29 10.26 -31.02
C SER C 12 30.68 9.68 -31.15
N ALA C 13 30.75 8.36 -31.39
CA ALA C 13 32.01 7.66 -31.56
C ALA C 13 31.84 6.61 -32.65
N SER C 14 32.95 6.13 -33.17
CA SER C 14 32.93 5.16 -34.26
C SER C 14 33.21 3.76 -33.73
N VAL C 15 33.05 2.77 -34.62
CA VAL C 15 33.28 1.38 -34.25
C VAL C 15 34.75 1.18 -33.94
N GLY C 16 35.02 0.58 -32.78
CA GLY C 16 36.38 0.33 -32.34
C GLY C 16 36.92 1.34 -31.35
N ASP C 17 36.24 2.48 -31.17
CA ASP C 17 36.70 3.49 -30.24
C ASP C 17 36.50 3.03 -28.80
N ARG C 18 37.14 3.75 -27.88
CA ARG C 18 37.00 3.50 -26.45
C ARG C 18 36.09 4.58 -25.86
N VAL C 19 34.91 4.17 -25.38
CA VAL C 19 33.90 5.08 -24.86
C VAL C 19 33.87 4.94 -23.34
N THR C 20 33.89 6.07 -22.64
CA THR C 20 33.82 6.10 -21.18
C THR C 20 32.70 7.04 -20.77
N ILE C 21 31.77 6.54 -19.96
CA ILE C 21 30.62 7.30 -19.49
C ILE C 21 30.76 7.53 -17.99
N THR C 22 30.50 8.76 -17.56
CA THR C 22 30.69 9.17 -16.17
C THR C 22 29.34 9.29 -15.48
N CYS C 23 29.28 8.86 -14.23
CA CYS C 23 28.06 8.90 -13.42
C CYS C 23 28.41 9.38 -12.03
N ARG C 24 27.82 10.48 -11.60
CA ARG C 24 28.09 11.08 -10.30
C ARG C 24 26.85 11.00 -9.42
N THR C 25 27.08 10.90 -8.11
CA THR C 25 26.02 10.80 -7.12
C THR C 25 26.04 12.03 -6.22
N SER C 26 24.86 12.43 -5.76
CA SER C 26 24.76 13.57 -4.84
C SER C 26 25.40 13.27 -3.49
N GLN C 27 25.48 12.00 -3.10
CA GLN C 27 26.16 11.60 -1.88
C GLN C 27 26.74 10.21 -2.07
N THR C 28 27.51 9.76 -1.09
CA THR C 28 28.20 8.48 -1.19
C THR C 28 27.20 7.33 -1.26
N ILE C 29 27.36 6.47 -2.27
CA ILE C 29 26.52 5.28 -2.41
C ILE C 29 27.35 4.00 -2.29
N SER C 30 28.58 4.11 -1.78
CA SER C 30 29.51 2.98 -1.65
C SER C 30 29.71 2.39 -3.04
N SER C 31 29.66 1.07 -3.21
CA SER C 31 29.90 0.47 -4.51
C SER C 31 28.69 -0.35 -4.98
N TYR C 32 27.54 0.30 -5.07
CA TYR C 32 26.30 -0.36 -5.48
C TYR C 32 25.67 0.36 -6.66
N LEU C 33 26.51 0.80 -7.60
CA LEU C 33 26.05 1.48 -8.81
C LEU C 33 25.87 0.45 -9.92
N ASN C 34 24.82 0.62 -10.71
CA ASN C 34 24.45 -0.33 -11.75
C ASN C 34 24.32 0.36 -13.09
N TRP C 35 24.72 -0.32 -14.15
CA TRP C 35 24.64 0.20 -15.50
C TRP C 35 23.63 -0.60 -16.32
N TYR C 36 22.86 0.10 -17.14
CA TYR C 36 21.83 -0.51 -17.97
C TYR C 36 21.93 0.03 -19.39
N GLN C 37 21.56 -0.80 -20.35
CA GLN C 37 21.53 -0.43 -21.76
C GLN C 37 20.11 -0.56 -22.29
N GLN C 38 19.66 0.44 -23.04
CA GLN C 38 18.30 0.46 -23.58
C GLN C 38 18.34 0.90 -25.03
N LYS C 39 17.79 0.06 -25.91
CA LYS C 39 17.61 0.36 -27.32
C LYS C 39 16.29 1.09 -27.54
N PRO C 40 16.21 1.92 -28.58
CA PRO C 40 14.94 2.61 -28.87
C PRO C 40 13.83 1.61 -29.15
N GLY C 41 12.77 1.67 -28.33
CA GLY C 41 11.66 0.76 -28.46
C GLY C 41 11.84 -0.59 -27.82
N LYS C 42 12.94 -0.80 -27.10
CA LYS C 42 13.22 -2.06 -26.43
C LYS C 42 13.33 -1.85 -24.93
N ALA C 43 13.32 -2.96 -24.20
CA ALA C 43 13.46 -2.92 -22.76
C ALA C 43 14.91 -2.75 -22.34
N PRO C 44 15.17 -2.13 -21.19
CA PRO C 44 16.55 -2.03 -20.71
C PRO C 44 17.14 -3.41 -20.40
N LYS C 45 18.46 -3.49 -20.47
CA LYS C 45 19.18 -4.73 -20.18
C LYS C 45 20.34 -4.44 -19.24
N LEU C 46 20.50 -5.30 -18.24
CA LEU C 46 21.53 -5.09 -17.23
C LEU C 46 22.90 -5.38 -17.81
N LEU C 47 23.86 -4.49 -17.54
CA LEU C 47 25.24 -4.66 -17.96
C LEU C 47 26.17 -4.86 -16.77
N ILE C 48 26.25 -3.88 -15.88
CA ILE C 48 27.12 -3.94 -14.72
C ILE C 48 26.27 -3.75 -13.47
N TYR C 49 26.57 -4.55 -12.44
CA TYR C 49 25.97 -4.39 -11.12
C TYR C 49 27.09 -4.39 -10.09
N ASP C 50 26.81 -3.78 -8.94
CA ASP C 50 27.80 -3.61 -7.87
C ASP C 50 29.04 -2.90 -8.40
N ALA C 51 28.82 -1.85 -9.20
CA ALA C 51 29.86 -0.98 -9.73
C ALA C 51 30.79 -1.67 -10.72
N SER C 52 31.18 -2.92 -10.46
CA SER C 52 32.20 -3.57 -11.28
C SER C 52 31.89 -5.02 -11.65
N SER C 53 30.81 -5.61 -11.17
CA SER C 53 30.52 -7.01 -11.46
C SER C 53 29.80 -7.11 -12.81
N LEU C 54 30.38 -7.91 -13.71
CA LEU C 54 29.82 -8.08 -15.04
C LEU C 54 28.69 -9.11 -15.02
N GLN C 55 27.54 -8.72 -15.57
CA GLN C 55 26.40 -9.62 -15.63
C GLN C 55 26.68 -10.75 -16.63
N SER C 56 26.17 -11.94 -16.31
CA SER C 56 26.37 -13.09 -17.18
C SER C 56 25.73 -12.85 -18.53
N GLY C 57 26.47 -13.18 -19.60
CA GLY C 57 26.02 -12.97 -20.95
C GLY C 57 26.46 -11.66 -21.57
N VAL C 58 26.82 -10.67 -20.76
CA VAL C 58 27.27 -9.38 -21.27
C VAL C 58 28.70 -9.52 -21.77
N PRO C 59 29.02 -9.01 -22.95
CA PRO C 59 30.40 -9.14 -23.46
C PRO C 59 31.41 -8.48 -22.54
N SER C 60 32.64 -9.02 -22.57
CA SER C 60 33.70 -8.54 -21.69
C SER C 60 34.18 -7.14 -22.05
N ARG C 61 33.82 -6.63 -23.22
CA ARG C 61 34.21 -5.26 -23.58
C ARG C 61 33.56 -4.21 -22.69
N PHE C 62 32.48 -4.57 -22.00
CA PHE C 62 31.87 -3.70 -21.01
C PHE C 62 32.54 -3.88 -19.66
N SER C 63 32.81 -2.77 -18.99
CA SER C 63 33.47 -2.80 -17.68
C SER C 63 33.10 -1.55 -16.90
N GLY C 64 32.89 -1.73 -15.60
CA GLY C 64 32.56 -0.62 -14.73
C GLY C 64 33.55 -0.44 -13.60
N SER C 65 33.65 0.78 -13.06
CA SER C 65 34.58 1.06 -11.98
C SER C 65 34.08 2.27 -11.22
N GLY C 66 34.78 2.58 -10.13
CA GLY C 66 34.42 3.67 -9.26
C GLY C 66 33.97 3.20 -7.89
N TYR C 67 34.04 4.12 -6.92
CA TYR C 67 33.65 3.80 -5.55
C TYR C 67 33.30 5.10 -4.84
N GLY C 68 32.09 5.15 -4.27
CA GLY C 68 31.63 6.32 -3.55
C GLY C 68 30.93 7.30 -4.47
N THR C 69 31.71 7.93 -5.35
CA THR C 69 31.17 8.85 -6.35
C THR C 69 31.97 8.68 -7.64
N ASP C 70 31.57 9.42 -8.66
CA ASP C 70 32.23 9.46 -9.96
C ASP C 70 32.47 8.05 -10.52
N PHE C 71 31.38 7.32 -10.71
CA PHE C 71 31.47 6.00 -11.32
C PHE C 71 31.61 6.12 -12.83
N THR C 72 32.23 5.11 -13.43
CA THR C 72 32.57 5.15 -14.85
C THR C 72 32.24 3.82 -15.51
N LEU C 73 31.59 3.89 -16.66
CA LEU C 73 31.35 2.74 -17.53
C LEU C 73 32.24 2.86 -18.74
N THR C 74 32.95 1.78 -19.09
CA THR C 74 33.93 1.79 -20.16
C THR C 74 33.61 0.71 -21.18
N ILE C 75 33.53 1.11 -22.45
CA ILE C 75 33.41 0.19 -23.58
C ILE C 75 34.75 0.20 -24.30
N SER C 76 35.52 -0.87 -24.12
CA SER C 76 36.89 -0.90 -24.64
C SER C 76 36.91 -0.81 -26.16
N SER C 77 36.10 -1.64 -26.83
CA SER C 77 36.04 -1.66 -28.29
C SER C 77 34.57 -1.54 -28.69
N LEU C 78 34.19 -0.37 -29.16
CA LEU C 78 32.80 -0.12 -29.55
C LEU C 78 32.45 -0.91 -30.80
N GLN C 79 31.34 -1.62 -30.75
CA GLN C 79 30.82 -2.40 -31.86
C GLN C 79 29.54 -1.76 -32.39
N PRO C 80 29.12 -2.11 -33.61
CA PRO C 80 27.90 -1.48 -34.16
C PRO C 80 26.66 -1.68 -33.30
N GLU C 81 26.57 -2.78 -32.57
CA GLU C 81 25.38 -3.11 -31.79
C GLU C 81 25.37 -2.46 -30.41
N ASP C 82 26.31 -1.58 -30.11
CA ASP C 82 26.31 -0.88 -28.84
C ASP C 82 25.59 0.47 -28.90
N PHE C 83 25.06 0.84 -30.07
CA PHE C 83 24.30 2.07 -30.18
C PHE C 83 23.04 1.97 -29.32
N ALA C 84 22.95 2.76 -28.27
CA ALA C 84 21.77 2.74 -27.41
C ALA C 84 21.78 3.93 -26.46
N THR C 85 21.16 3.76 -25.29
CA THR C 85 21.20 4.74 -24.21
C THR C 85 21.60 4.01 -22.94
N TYR C 86 22.62 4.53 -22.26
CA TYR C 86 23.20 3.87 -21.10
C TYR C 86 22.84 4.65 -19.85
N PHE C 87 22.14 3.99 -18.93
CA PHE C 87 21.71 4.58 -17.68
C PHE C 87 22.50 4.00 -16.52
N CYS C 88 22.85 4.84 -15.56
CA CYS C 88 23.35 4.39 -14.27
C CYS C 88 22.26 4.55 -13.23
N GLN C 89 22.24 3.64 -12.25
CA GLN C 89 21.17 3.58 -11.26
C GLN C 89 21.76 3.19 -9.92
N GLN C 90 21.59 4.05 -8.93
CA GLN C 90 22.09 3.77 -7.59
C GLN C 90 21.15 2.83 -6.86
N SER C 91 21.73 1.95 -6.05
CA SER C 91 20.97 1.01 -5.25
C SER C 91 21.30 1.09 -3.77
N TYR C 92 22.09 2.09 -3.36
CA TYR C 92 22.39 2.28 -1.95
C TYR C 92 21.12 2.60 -1.16
N ASN C 93 20.33 3.57 -1.64
CA ASN C 93 19.14 3.99 -0.90
C ASN C 93 17.96 4.22 -1.83
N THR C 94 16.80 3.79 -1.35
CA THR C 94 15.54 3.99 -2.05
C THR C 94 15.20 5.48 -2.13
N PRO C 95 14.67 5.96 -3.27
CA PRO C 95 14.34 5.21 -4.49
C PRO C 95 15.55 4.84 -5.32
N TYR C 96 15.47 3.70 -6.01
CA TYR C 96 16.56 3.26 -6.87
C TYR C 96 16.62 4.17 -8.09
N ALA C 97 17.01 5.42 -7.87
CA ALA C 97 16.96 6.44 -8.91
C ALA C 97 17.93 6.12 -10.03
N PHE C 98 17.57 6.55 -11.23
CA PHE C 98 18.38 6.36 -12.42
C PHE C 98 19.06 7.67 -12.80
N GLY C 99 20.14 7.55 -13.58
CA GLY C 99 20.77 8.71 -14.15
C GLY C 99 19.99 9.25 -15.33
N GLN C 100 20.39 10.44 -15.78
CA GLN C 100 19.72 11.06 -16.91
C GLN C 100 19.92 10.28 -18.21
N GLY C 101 20.99 9.51 -18.31
CA GLY C 101 21.24 8.71 -19.48
C GLY C 101 22.29 9.34 -20.38
N THR C 102 23.01 8.48 -21.10
CA THR C 102 24.04 8.91 -22.04
C THR C 102 23.80 8.19 -23.36
N LYS C 103 23.32 8.91 -24.37
CA LYS C 103 23.02 8.31 -25.66
C LYS C 103 24.30 8.24 -26.48
N VAL C 104 24.68 7.03 -26.88
CA VAL C 104 25.86 6.77 -27.67
C VAL C 104 25.45 6.62 -29.13
N GLU C 105 26.08 7.38 -30.02
CA GLU C 105 25.79 7.27 -31.44
C GLU C 105 27.03 6.78 -32.18
N ILE C 106 26.81 6.21 -33.35
CA ILE C 106 27.87 5.71 -34.21
C ILE C 106 27.87 6.45 -35.54
N LYS C 107 29.07 6.69 -36.08
CA LYS C 107 29.25 7.36 -37.36
C LYS C 107 29.82 6.39 -38.38
N ARG C 108 29.59 6.69 -39.65
CA ARG C 108 29.93 5.76 -40.71
C ARG C 108 30.18 6.53 -42.01
N THR C 109 30.57 5.80 -43.05
CA THR C 109 30.80 6.40 -44.36
C THR C 109 29.49 6.93 -44.93
N VAL C 110 29.62 7.97 -45.76
CA VAL C 110 28.44 8.61 -46.35
C VAL C 110 27.69 7.61 -47.23
N ALA C 111 26.38 7.56 -47.07
CA ALA C 111 25.51 6.69 -47.86
C ALA C 111 24.31 7.50 -48.32
N ALA C 112 24.14 7.63 -49.64
CA ALA C 112 23.04 8.39 -50.17
C ALA C 112 21.71 7.65 -49.96
N PRO C 113 20.62 8.38 -49.76
CA PRO C 113 19.32 7.73 -49.53
C PRO C 113 18.73 7.16 -50.80
N SER C 114 18.11 5.99 -50.67
CA SER C 114 17.25 5.45 -51.70
C SER C 114 15.84 6.00 -51.49
N VAL C 115 15.28 6.60 -52.53
CA VAL C 115 14.04 7.35 -52.43
C VAL C 115 12.90 6.56 -53.04
N PHE C 116 11.76 6.55 -52.36
CA PHE C 116 10.54 5.90 -52.84
C PHE C 116 9.36 6.79 -52.51
N ILE C 117 8.41 6.87 -53.44
CA ILE C 117 7.20 7.66 -53.26
C ILE C 117 6.00 6.73 -53.36
N PHE C 118 5.00 6.97 -52.53
CA PHE C 118 3.81 6.13 -52.48
C PHE C 118 2.57 7.00 -52.64
N PRO C 119 1.68 6.67 -53.57
CA PRO C 119 0.42 7.42 -53.69
C PRO C 119 -0.57 6.97 -52.63
N PRO C 120 -1.56 7.81 -52.31
CA PRO C 120 -2.60 7.37 -51.38
C PRO C 120 -3.44 6.26 -51.98
N SER C 121 -3.94 5.39 -51.11
CA SER C 121 -4.73 4.25 -51.55
C SER C 121 -6.16 4.68 -51.87
N ASP C 122 -6.80 3.93 -52.77
CA ASP C 122 -8.21 4.18 -53.09
C ASP C 122 -9.08 4.05 -51.84
N GLU C 123 -8.69 3.21 -50.89
CA GLU C 123 -9.45 3.07 -49.65
C GLU C 123 -9.43 4.35 -48.84
N GLN C 124 -8.26 4.97 -48.70
CA GLN C 124 -8.16 6.21 -47.94
C GLN C 124 -8.88 7.35 -48.63
N LEU C 125 -8.83 7.40 -49.96
CA LEU C 125 -9.50 8.46 -50.70
C LEU C 125 -11.01 8.41 -50.51
N LYS C 126 -11.57 7.22 -50.39
CA LYS C 126 -13.00 7.07 -50.15
C LYS C 126 -13.46 7.79 -48.88
N SER C 127 -12.55 8.03 -47.94
CA SER C 127 -12.91 8.58 -46.63
C SER C 127 -12.65 10.08 -46.51
N GLY C 128 -12.10 10.72 -47.54
CA GLY C 128 -12.01 12.17 -47.58
C GLY C 128 -10.61 12.73 -47.43
N THR C 129 -9.60 11.90 -47.13
CA THR C 129 -8.25 12.38 -46.88
C THR C 129 -7.27 11.61 -47.75
N ALA C 130 -6.24 12.30 -48.22
CA ALA C 130 -5.21 11.71 -49.06
C ALA C 130 -3.85 11.94 -48.41
N SER C 131 -3.11 10.86 -48.19
CA SER C 131 -1.77 10.92 -47.62
C SER C 131 -0.76 10.40 -48.64
N VAL C 132 0.23 11.22 -48.96
CA VAL C 132 1.30 10.85 -49.90
C VAL C 132 2.58 10.71 -49.11
N VAL C 133 3.22 9.54 -49.23
CA VAL C 133 4.37 9.18 -48.40
C VAL C 133 5.61 9.12 -49.28
N CYS C 134 6.70 9.73 -48.82
CA CYS C 134 7.99 9.67 -49.48
C CYS C 134 8.98 9.04 -48.52
N LEU C 135 9.69 8.02 -48.98
CA LEU C 135 10.59 7.23 -48.14
C LEU C 135 12.04 7.51 -48.50
N LEU C 136 12.83 7.88 -47.50
CA LEU C 136 14.28 8.03 -47.62
C LEU C 136 14.90 6.92 -46.78
N ASN C 137 15.46 5.91 -47.43
CA ASN C 137 15.81 4.66 -46.77
C ASN C 137 17.32 4.48 -46.68
N ASN C 138 17.78 4.09 -45.49
CA ASN C 138 19.13 3.58 -45.28
C ASN C 138 20.19 4.57 -45.78
N PHE C 139 20.19 5.75 -45.18
CA PHE C 139 21.13 6.80 -45.56
C PHE C 139 21.94 7.28 -44.37
N TYR C 140 23.11 7.83 -44.69
CA TYR C 140 23.99 8.51 -43.74
C TYR C 140 24.83 9.48 -44.55
N PRO C 141 24.97 10.74 -44.11
CA PRO C 141 24.47 11.27 -42.84
C PRO C 141 22.96 11.54 -42.77
N ARG C 142 22.51 11.91 -41.57
CA ARG C 142 21.07 12.01 -41.29
C ARG C 142 20.42 13.16 -42.03
N GLU C 143 21.16 14.21 -42.37
CA GLU C 143 20.56 15.41 -42.93
C GLU C 143 19.97 15.13 -44.31
N ALA C 144 18.73 15.58 -44.50
CA ALA C 144 18.08 15.49 -45.79
C ALA C 144 16.97 16.53 -45.83
N LYS C 145 16.69 17.04 -47.01
CA LYS C 145 15.61 18.00 -47.23
C LYS C 145 14.63 17.42 -48.24
N VAL C 146 13.37 17.34 -47.84
CA VAL C 146 12.31 16.82 -48.68
C VAL C 146 11.41 17.99 -49.07
N GLN C 147 11.22 18.18 -50.37
CA GLN C 147 10.38 19.23 -50.90
C GLN C 147 9.29 18.59 -51.75
N TRP C 148 8.04 18.88 -51.42
CA TRP C 148 6.90 18.35 -52.16
C TRP C 148 6.52 19.32 -53.26
N LYS C 149 6.29 18.78 -54.47
CA LYS C 149 5.83 19.57 -55.60
C LYS C 149 4.61 18.90 -56.18
N VAL C 150 3.53 19.68 -56.32
CA VAL C 150 2.25 19.18 -56.83
C VAL C 150 1.94 19.98 -58.09
N ASP C 151 1.98 19.31 -59.25
CA ASP C 151 1.92 19.98 -60.54
C ASP C 151 2.96 21.11 -60.63
N ASN C 152 4.17 20.80 -60.18
CA ASN C 152 5.30 21.74 -60.22
C ASN C 152 5.03 22.98 -59.37
N ALA C 153 4.44 22.76 -58.19
CA ALA C 153 4.17 23.83 -57.23
C ALA C 153 4.71 23.38 -55.87
N LEU C 154 5.70 24.11 -55.36
CA LEU C 154 6.32 23.75 -54.09
C LEU C 154 5.30 23.87 -52.95
N GLN C 155 5.12 22.79 -52.20
CA GLN C 155 4.22 22.80 -51.07
C GLN C 155 4.90 23.39 -49.83
N SER C 156 4.09 23.77 -48.85
CA SER C 156 4.59 24.32 -47.61
C SER C 156 3.60 24.06 -46.48
N GLY C 157 4.11 23.60 -45.33
CA GLY C 157 3.33 23.44 -44.13
C GLY C 157 2.41 22.25 -44.07
N ASN C 158 2.13 21.60 -45.20
CA ASN C 158 1.23 20.46 -45.25
C ASN C 158 1.97 19.13 -45.23
N SER C 159 3.15 19.09 -44.63
CA SER C 159 3.95 17.87 -44.57
C SER C 159 4.50 17.68 -43.16
N GLN C 160 4.69 16.41 -42.79
CA GLN C 160 5.31 16.04 -41.53
C GLN C 160 6.38 14.99 -41.79
N GLU C 161 7.47 15.06 -41.03
CA GLU C 161 8.59 14.15 -41.18
C GLU C 161 8.76 13.30 -39.92
N SER C 162 9.28 12.08 -40.12
CA SER C 162 9.61 11.18 -39.03
C SER C 162 10.89 10.45 -39.40
N VAL C 163 11.82 10.37 -38.45
CA VAL C 163 13.14 9.78 -38.68
C VAL C 163 13.33 8.63 -37.73
N THR C 164 13.81 7.50 -38.24
CA THR C 164 14.13 6.37 -37.38
C THR C 164 15.39 6.66 -36.58
N GLU C 165 15.56 5.91 -35.49
CA GLU C 165 16.82 5.95 -34.78
C GLU C 165 17.90 5.23 -35.58
N GLN C 166 19.13 5.70 -35.44
CA GLN C 166 20.24 5.18 -36.22
C GLN C 166 20.34 3.67 -36.08
N ASP C 167 20.26 2.99 -37.22
CA ASP C 167 20.21 1.53 -37.23
C ASP C 167 21.41 0.91 -36.52
N SER C 168 21.14 -0.15 -35.76
CA SER C 168 22.18 -0.84 -34.99
C SER C 168 23.04 -1.74 -35.85
N LYS C 169 22.60 -2.08 -37.06
CA LYS C 169 23.33 -2.97 -37.95
C LYS C 169 24.18 -2.24 -38.98
N ASP C 170 23.65 -1.22 -39.64
CA ASP C 170 24.41 -0.51 -40.66
C ASP C 170 24.61 0.98 -40.34
N SER C 171 24.21 1.41 -39.14
CA SER C 171 24.46 2.78 -38.66
C SER C 171 23.84 3.84 -39.58
N THR C 172 22.78 3.49 -40.28
CA THR C 172 22.10 4.41 -41.18
C THR C 172 20.79 4.90 -40.57
N TYR C 173 20.23 5.94 -41.18
CA TYR C 173 18.93 6.48 -40.82
C TYR C 173 17.93 6.23 -41.93
N SER C 174 16.65 6.26 -41.55
CA SER C 174 15.56 6.27 -42.51
C SER C 174 14.60 7.40 -42.15
N LEU C 175 13.98 7.98 -43.18
CA LEU C 175 13.13 9.15 -42.99
C LEU C 175 11.87 8.99 -43.84
N SER C 176 10.74 9.35 -43.27
CA SER C 176 9.45 9.32 -43.95
C SER C 176 8.87 10.73 -43.96
N SER C 177 8.45 11.19 -45.14
CA SER C 177 7.79 12.47 -45.30
C SER C 177 6.39 12.22 -45.82
N THR C 178 5.38 12.64 -45.05
CA THR C 178 3.98 12.39 -45.37
C THR C 178 3.31 13.70 -45.73
N LEU C 179 2.80 13.78 -46.96
CA LEU C 179 2.06 14.94 -47.44
C LEU C 179 0.57 14.69 -47.26
N THR C 180 -0.09 15.54 -46.47
CA THR C 180 -1.49 15.35 -46.12
C THR C 180 -2.33 16.40 -46.87
N LEU C 181 -3.24 15.92 -47.71
CA LEU C 181 -4.17 16.78 -48.44
C LEU C 181 -5.58 16.25 -48.28
N SER C 182 -6.54 17.14 -48.45
CA SER C 182 -7.93 16.72 -48.56
C SER C 182 -8.14 15.96 -49.86
N LYS C 183 -9.14 15.06 -49.86
CA LYS C 183 -9.45 14.31 -51.07
C LYS C 183 -9.78 15.25 -52.23
N ALA C 184 -10.51 16.32 -51.96
CA ALA C 184 -10.84 17.29 -53.00
C ALA C 184 -9.57 17.91 -53.59
N ASP C 185 -8.66 18.37 -52.72
CA ASP C 185 -7.44 19.00 -53.20
C ASP C 185 -6.55 17.99 -53.92
N TYR C 186 -6.47 16.76 -53.44
CA TYR C 186 -5.65 15.74 -54.08
C TYR C 186 -6.10 15.47 -55.51
N GLU C 187 -7.41 15.35 -55.73
CA GLU C 187 -7.94 15.02 -57.04
C GLU C 187 -7.96 16.20 -57.99
N LYS C 188 -7.51 17.37 -57.55
CA LYS C 188 -7.39 18.53 -58.45
C LYS C 188 -6.10 18.52 -59.25
N HIS C 189 -5.20 17.58 -59.00
CA HIS C 189 -3.87 17.61 -59.59
C HIS C 189 -3.51 16.23 -60.13
N LYS C 190 -2.52 16.23 -61.02
CA LYS C 190 -2.01 15.02 -61.66
C LYS C 190 -0.63 14.61 -61.14
N VAL C 191 0.29 15.57 -60.99
CA VAL C 191 1.69 15.28 -60.72
C VAL C 191 1.97 15.47 -59.23
N TYR C 192 2.55 14.45 -58.61
CA TYR C 192 3.01 14.52 -57.23
C TYR C 192 4.45 14.03 -57.18
N ALA C 193 5.36 14.92 -56.81
CA ALA C 193 6.79 14.64 -56.85
C ALA C 193 7.43 14.89 -55.50
N CYS C 194 8.39 14.06 -55.15
CA CYS C 194 9.17 14.20 -53.92
C CYS C 194 10.62 14.44 -54.30
N GLU C 195 11.17 15.59 -53.92
CA GLU C 195 12.54 15.96 -54.24
C GLU C 195 13.40 15.88 -52.99
N VAL C 196 14.51 15.16 -53.08
CA VAL C 196 15.35 14.85 -51.94
C VAL C 196 16.75 15.37 -52.20
N THR C 197 17.31 16.07 -51.22
CA THR C 197 18.69 16.53 -51.26
C THR C 197 19.46 15.93 -50.10
N HIS C 198 20.72 15.57 -50.37
CA HIS C 198 21.57 14.92 -49.37
C HIS C 198 23.02 15.20 -49.76
N GLN C 199 23.88 15.35 -48.75
CA GLN C 199 25.27 15.70 -49.00
C GLN C 199 26.00 14.62 -49.79
N GLY C 200 25.51 13.38 -49.77
CA GLY C 200 26.02 12.33 -50.61
C GLY C 200 25.47 12.32 -52.02
N LEU C 201 24.51 13.19 -52.32
CA LEU C 201 23.91 13.28 -53.64
C LEU C 201 24.46 14.49 -54.38
N SER C 202 24.95 14.26 -55.60
CA SER C 202 25.47 15.38 -56.39
C SER C 202 24.33 16.21 -56.97
N SER C 203 23.21 15.58 -57.29
CA SER C 203 22.02 16.27 -57.77
C SER C 203 20.81 15.79 -56.97
N PRO C 204 19.81 16.66 -56.79
CA PRO C 204 18.60 16.24 -56.08
C PRO C 204 17.91 15.08 -56.79
N VAL C 205 17.36 14.17 -56.00
CA VAL C 205 16.69 12.98 -56.53
C VAL C 205 15.19 13.20 -56.42
N THR C 206 14.49 13.09 -57.54
CA THR C 206 13.06 13.33 -57.60
C THR C 206 12.34 12.05 -57.99
N LYS C 207 11.42 11.60 -57.14
CA LYS C 207 10.53 10.48 -57.45
C LYS C 207 9.11 11.03 -57.57
N SER C 208 8.42 10.66 -58.64
CA SER C 208 7.10 11.21 -58.91
C SER C 208 6.18 10.13 -59.47
N PHE C 209 4.88 10.39 -59.35
CA PHE C 209 3.86 9.53 -59.94
C PHE C 209 2.75 10.41 -60.51
N ASN C 210 1.98 9.85 -61.43
CA ASN C 210 0.82 10.50 -62.00
C ASN C 210 -0.44 9.92 -61.36
N ARG C 211 -1.30 10.81 -60.85
CA ARG C 211 -2.49 10.37 -60.13
C ARG C 211 -3.37 9.50 -61.01
N GLY C 212 -3.79 8.35 -60.49
CA GLY C 212 -4.61 7.42 -61.23
C GLY C 212 -3.88 6.54 -62.21
N GLU C 213 -2.56 6.66 -62.32
CA GLU C 213 -1.79 5.86 -63.27
C GLU C 213 -0.80 4.95 -62.55
N GLN D 1 -25.93 -18.80 4.69
CA GLN D 1 -26.01 -17.47 5.27
C GLN D 1 -24.78 -16.63 4.91
N VAL D 2 -24.90 -15.31 5.09
CA VAL D 2 -23.73 -14.45 4.96
C VAL D 2 -22.71 -14.82 6.03
N GLN D 3 -21.43 -14.80 5.65
CA GLN D 3 -20.39 -15.24 6.57
C GLN D 3 -19.06 -14.61 6.20
N LEU D 4 -18.31 -14.20 7.20
CA LEU D 4 -16.93 -13.76 7.07
C LEU D 4 -16.10 -14.43 8.14
N VAL D 5 -14.88 -14.84 7.78
CA VAL D 5 -13.98 -15.49 8.72
C VAL D 5 -12.58 -14.94 8.51
N GLU D 6 -11.98 -14.39 9.55
CA GLU D 6 -10.63 -13.87 9.50
C GLU D 6 -9.62 -14.96 9.83
N SER D 7 -8.41 -14.83 9.29
CA SER D 7 -7.34 -15.76 9.55
C SER D 7 -6.01 -15.03 9.41
N GLY D 8 -4.95 -15.68 9.88
CA GLY D 8 -3.60 -15.14 9.78
C GLY D 8 -3.09 -14.48 11.05
N GLY D 9 -3.92 -14.34 12.07
CA GLY D 9 -3.46 -13.75 13.31
C GLY D 9 -2.51 -14.65 14.07
N GLY D 10 -1.72 -14.04 14.93
CA GLY D 10 -0.74 -14.77 15.71
C GLY D 10 0.28 -13.83 16.31
N LEU D 11 1.35 -14.44 16.81
CA LEU D 11 2.44 -13.68 17.43
C LEU D 11 3.39 -13.13 16.38
N VAL D 12 3.85 -11.90 16.60
CA VAL D 12 4.80 -11.26 15.71
C VAL D 12 5.67 -10.30 16.52
N GLN D 13 6.98 -10.35 16.28
CA GLN D 13 7.89 -9.43 16.95
C GLN D 13 7.71 -8.01 16.39
N PRO D 14 8.01 -6.99 17.20
CA PRO D 14 7.92 -5.61 16.71
C PRO D 14 8.79 -5.37 15.48
N GLY D 15 8.22 -4.67 14.51
CA GLY D 15 8.90 -4.38 13.27
C GLY D 15 8.71 -5.41 12.18
N ARG D 16 8.25 -6.61 12.51
CA ARG D 16 8.11 -7.68 11.54
C ARG D 16 6.75 -7.56 10.85
N SER D 17 6.41 -8.55 10.02
CA SER D 17 5.24 -8.47 9.17
C SER D 17 4.29 -9.63 9.44
N LEU D 18 3.02 -9.42 9.08
CA LEU D 18 1.99 -10.44 9.20
C LEU D 18 0.92 -10.15 8.16
N ARG D 19 0.35 -11.20 7.58
CA ARG D 19 -0.64 -11.08 6.52
C ARG D 19 -1.95 -11.70 7.00
N LEU D 20 -3.01 -10.90 7.01
CA LEU D 20 -4.33 -11.34 7.41
C LEU D 20 -5.20 -11.60 6.19
N SER D 21 -6.11 -12.56 6.32
CA SER D 21 -7.03 -12.92 5.24
C SER D 21 -8.45 -12.92 5.78
N CYS D 22 -9.40 -12.71 4.86
CA CYS D 22 -10.82 -12.71 5.20
C CYS D 22 -11.57 -13.45 4.10
N ALA D 23 -12.17 -14.59 4.43
CA ALA D 23 -12.90 -15.41 3.48
C ALA D 23 -14.39 -15.11 3.59
N ALA D 24 -15.01 -14.85 2.45
CA ALA D 24 -16.42 -14.46 2.40
C ALA D 24 -17.25 -15.54 1.72
N SER D 25 -18.49 -15.67 2.18
CA SER D 25 -19.42 -16.63 1.60
C SER D 25 -20.84 -16.20 1.94
N GLY D 26 -21.79 -16.67 1.13
CA GLY D 26 -23.19 -16.37 1.34
C GLY D 26 -23.68 -15.08 0.71
N PHE D 27 -22.82 -14.36 -0.01
CA PHE D 27 -23.24 -13.14 -0.68
C PHE D 27 -22.28 -12.87 -1.83
N THR D 28 -22.67 -11.93 -2.69
CA THR D 28 -21.86 -11.57 -3.86
C THR D 28 -20.72 -10.67 -3.39
N PHE D 29 -19.58 -11.29 -3.11
CA PHE D 29 -18.43 -10.56 -2.58
C PHE D 29 -17.96 -9.48 -3.55
N ASP D 30 -18.06 -9.73 -4.86
CA ASP D 30 -17.52 -8.81 -5.85
C ASP D 30 -18.25 -7.48 -5.90
N ASP D 31 -19.44 -7.39 -5.30
CA ASP D 31 -20.28 -6.20 -5.43
C ASP D 31 -20.18 -5.23 -4.25
N TYR D 32 -19.46 -5.57 -3.19
CA TYR D 32 -19.51 -4.81 -1.95
C TYR D 32 -18.11 -4.37 -1.52
N ALA D 33 -18.05 -3.18 -0.92
CA ALA D 33 -16.84 -2.73 -0.27
C ALA D 33 -16.59 -3.51 1.01
N MET D 34 -15.32 -3.71 1.33
CA MET D 34 -14.91 -4.44 2.52
C MET D 34 -14.08 -3.54 3.41
N HIS D 35 -14.06 -3.87 4.70
CA HIS D 35 -13.39 -3.03 5.69
C HIS D 35 -12.58 -3.90 6.65
N TRP D 36 -11.55 -3.29 7.23
CA TRP D 36 -10.81 -3.86 8.35
C TRP D 36 -11.02 -2.97 9.57
N VAL D 37 -11.43 -3.58 10.68
CA VAL D 37 -11.64 -2.87 11.93
C VAL D 37 -10.96 -3.66 13.04
N ARG D 38 -10.29 -2.94 13.94
CA ARG D 38 -9.60 -3.55 15.07
C ARG D 38 -10.02 -2.86 16.36
N GLN D 39 -9.77 -3.54 17.47
CA GLN D 39 -10.13 -3.01 18.79
C GLN D 39 -9.15 -3.57 19.81
N VAL D 40 -8.50 -2.69 20.55
CA VAL D 40 -7.59 -3.14 21.61
C VAL D 40 -8.42 -3.72 22.74
N PRO D 41 -7.99 -4.84 23.36
CA PRO D 41 -8.78 -5.43 24.46
C PRO D 41 -9.10 -4.44 25.57
N GLY D 42 -10.37 -4.06 25.66
CA GLY D 42 -10.86 -3.10 26.62
C GLY D 42 -11.15 -1.72 26.05
N LYS D 43 -10.56 -1.38 24.91
CA LYS D 43 -10.79 -0.10 24.27
C LYS D 43 -11.96 -0.23 23.28
N GLY D 44 -12.16 0.78 22.45
CA GLY D 44 -13.25 0.77 21.50
C GLY D 44 -12.80 0.38 20.09
N LEU D 45 -13.79 0.22 19.21
CA LEU D 45 -13.52 -0.13 17.83
C LEU D 45 -12.73 0.98 17.14
N GLU D 46 -11.83 0.58 16.24
CA GLU D 46 -11.01 1.54 15.49
C GLU D 46 -10.95 1.09 14.04
N TRP D 47 -11.40 1.96 13.14
CA TRP D 47 -11.38 1.63 11.71
C TRP D 47 -9.95 1.66 11.18
N VAL D 48 -9.63 0.67 10.35
CA VAL D 48 -8.27 0.48 9.84
C VAL D 48 -8.17 0.81 8.36
N SER D 49 -8.97 0.17 7.53
CA SER D 49 -8.82 0.31 6.09
C SER D 49 -10.07 -0.22 5.38
N GLY D 50 -10.28 0.26 4.16
CA GLY D 50 -11.36 -0.21 3.32
C GLY D 50 -10.92 -0.26 1.87
N ILE D 51 -11.74 -0.95 1.05
CA ILE D 51 -11.42 -1.13 -0.36
C ILE D 51 -12.72 -1.30 -1.13
N SER D 52 -12.81 -0.62 -2.27
CA SER D 52 -14.00 -0.69 -3.11
C SER D 52 -14.09 -2.06 -3.79
N TRP D 53 -15.23 -2.28 -4.47
CA TRP D 53 -15.48 -3.59 -5.07
C TRP D 53 -14.45 -3.92 -6.15
N ASN D 54 -14.05 -2.93 -6.95
CA ASN D 54 -13.08 -3.13 -8.02
C ASN D 54 -11.68 -2.66 -7.63
N SER D 55 -11.43 -2.44 -6.34
CA SER D 55 -10.14 -2.03 -5.79
C SER D 55 -9.70 -0.67 -6.30
N GLY D 56 -10.59 0.08 -6.96
CA GLY D 56 -10.24 1.42 -7.43
C GLY D 56 -10.13 2.44 -6.31
N SER D 57 -10.68 2.14 -5.14
CA SER D 57 -10.65 3.05 -4.00
C SER D 57 -10.07 2.30 -2.80
N ILE D 58 -8.97 2.83 -2.25
CA ILE D 58 -8.25 2.19 -1.15
C ILE D 58 -7.85 3.27 -0.16
N VAL D 59 -8.11 3.01 1.13
CA VAL D 59 -7.93 4.01 2.17
C VAL D 59 -7.23 3.37 3.37
N TYR D 60 -6.59 4.21 4.17
CA TYR D 60 -5.95 3.81 5.41
C TYR D 60 -6.08 4.93 6.43
N ALA D 61 -6.34 4.57 7.68
CA ALA D 61 -6.29 5.54 8.76
C ALA D 61 -4.85 5.99 9.00
N ASP D 62 -4.72 7.19 9.59
CA ASP D 62 -3.41 7.83 9.71
C ASP D 62 -2.43 7.01 10.53
N PHE D 63 -2.89 6.26 11.55
CA PHE D 63 -1.94 5.46 12.30
C PHE D 63 -1.30 4.36 11.46
N VAL D 64 -1.79 4.15 10.26
CA VAL D 64 -1.15 3.31 9.25
C VAL D 64 -0.74 4.24 8.13
N LYS D 65 0.48 4.77 8.18
CA LYS D 65 0.91 5.65 7.09
C LYS D 65 1.15 4.80 5.83
N GLY D 66 2.30 4.13 5.78
CA GLY D 66 2.63 3.25 4.67
C GLY D 66 2.98 1.85 5.12
N ARG D 67 2.46 1.43 6.29
CA ARG D 67 2.83 0.14 6.86
C ARG D 67 1.91 -0.99 6.39
N PHE D 68 0.60 -0.76 6.37
CA PHE D 68 -0.37 -1.78 5.98
C PHE D 68 -0.76 -1.60 4.52
N THR D 69 -1.19 -2.69 3.91
CA THR D 69 -1.63 -2.69 2.52
C THR D 69 -2.85 -3.60 2.39
N ILE D 70 -3.99 -3.02 2.02
CA ILE D 70 -5.22 -3.77 1.84
C ILE D 70 -5.33 -4.18 0.38
N ALA D 71 -5.91 -5.36 0.15
CA ALA D 71 -6.13 -5.86 -1.20
C ALA D 71 -7.23 -6.91 -1.13
N ARG D 72 -7.74 -7.29 -2.30
CA ARG D 72 -8.80 -8.27 -2.37
C ARG D 72 -8.67 -9.08 -3.65
N ASP D 73 -9.17 -10.31 -3.61
CA ASP D 73 -9.20 -11.21 -4.76
C ASP D 73 -10.64 -11.64 -4.94
N ASN D 74 -11.36 -10.95 -5.85
CA ASN D 74 -12.78 -11.22 -6.03
C ASN D 74 -13.02 -12.63 -6.56
N ALA D 75 -12.05 -13.20 -7.29
CA ALA D 75 -12.20 -14.57 -7.77
C ALA D 75 -12.17 -15.57 -6.63
N LYS D 76 -11.40 -15.30 -5.58
CA LYS D 76 -11.31 -16.18 -4.42
C LYS D 76 -12.19 -15.73 -3.27
N ASN D 77 -12.98 -14.67 -3.45
CA ASN D 77 -13.85 -14.12 -2.42
C ASN D 77 -13.07 -13.90 -1.12
N SER D 78 -11.93 -13.24 -1.24
CA SER D 78 -11.02 -13.07 -0.11
C SER D 78 -10.58 -11.61 0.01
N LEU D 79 -10.51 -11.13 1.25
CA LEU D 79 -9.96 -9.82 1.57
C LEU D 79 -8.67 -9.99 2.35
N PHE D 80 -7.69 -9.13 2.09
CA PHE D 80 -6.38 -9.27 2.67
C PHE D 80 -5.92 -7.96 3.29
N LEU D 81 -5.03 -8.07 4.28
CA LEU D 81 -4.39 -6.92 4.90
C LEU D 81 -2.94 -7.29 5.20
N GLN D 82 -2.01 -6.72 4.45
CA GLN D 82 -0.58 -6.95 4.66
C GLN D 82 -0.08 -5.95 5.68
N MET D 83 0.35 -6.43 6.84
CA MET D 83 0.75 -5.59 7.96
C MET D 83 2.26 -5.63 8.10
N ASN D 84 2.92 -4.50 7.88
CA ASN D 84 4.37 -4.41 8.00
C ASN D 84 4.75 -3.43 9.10
N SER D 85 5.99 -3.56 9.59
CA SER D 85 6.55 -2.68 10.63
C SER D 85 5.60 -2.59 11.83
N LEU D 86 5.10 -3.75 12.26
CA LEU D 86 4.11 -3.79 13.33
C LEU D 86 4.69 -3.26 14.64
N ARG D 87 3.87 -2.53 15.38
CA ARG D 87 4.25 -1.95 16.66
C ARG D 87 3.39 -2.57 17.77
N ALA D 88 3.78 -2.28 19.02
CA ALA D 88 3.06 -2.84 20.16
C ALA D 88 1.63 -2.34 20.23
N GLU D 89 1.36 -1.12 19.76
CA GLU D 89 0.00 -0.60 19.74
C GLU D 89 -0.84 -1.16 18.60
N ASP D 90 -0.26 -1.97 17.72
CA ASP D 90 -1.04 -2.70 16.75
C ASP D 90 -1.65 -3.97 17.31
N THR D 91 -1.31 -4.33 18.55
CA THR D 91 -1.92 -5.49 19.20
C THR D 91 -3.41 -5.24 19.41
N ALA D 92 -4.23 -6.05 18.76
CA ALA D 92 -5.69 -5.92 18.80
C ALA D 92 -6.28 -7.10 18.05
N LEU D 93 -7.57 -7.31 18.25
CA LEU D 93 -8.33 -8.28 17.45
C LEU D 93 -8.88 -7.58 16.22
N TYR D 94 -8.60 -8.14 15.05
CA TYR D 94 -8.91 -7.49 13.77
C TYR D 94 -10.16 -8.11 13.18
N TYR D 95 -11.15 -7.26 12.89
CA TYR D 95 -12.40 -7.68 12.28
C TYR D 95 -12.41 -7.38 10.79
N CYS D 96 -13.11 -8.22 10.05
CA CYS D 96 -13.37 -8.01 8.62
C CYS D 96 -14.86 -7.78 8.44
N ALA D 97 -15.23 -6.67 7.80
CA ALA D 97 -16.62 -6.23 7.76
C ALA D 97 -17.07 -5.97 6.33
N LYS D 98 -18.29 -6.40 6.01
CA LYS D 98 -18.92 -6.11 4.74
C LYS D 98 -19.77 -4.85 4.86
N SER D 99 -19.66 -3.97 3.87
CA SER D 99 -20.40 -2.71 3.88
C SER D 99 -21.80 -2.92 3.33
N THR D 100 -22.80 -2.40 4.05
CA THR D 100 -24.18 -2.52 3.60
C THR D 100 -24.38 -1.88 2.22
N ALA D 101 -24.08 -0.59 2.12
CA ALA D 101 -24.32 0.16 0.89
C ALA D 101 -23.59 -0.46 -0.30
N LEU D 102 -24.35 -0.80 -1.33
CA LEU D 102 -23.84 -1.50 -2.50
C LEU D 102 -22.98 -0.59 -3.38
N ARG D 103 -21.97 -1.20 -4.00
CA ARG D 103 -21.10 -0.53 -4.98
C ARG D 103 -20.46 0.71 -4.35
N HIS D 104 -20.27 1.76 -5.17
CA HIS D 104 -19.60 2.98 -4.76
C HIS D 104 -20.60 3.77 -3.91
N GLN D 105 -20.89 3.19 -2.75
CA GLN D 105 -21.76 3.73 -1.73
C GLN D 105 -21.16 3.23 -0.42
N TYR D 106 -20.40 4.09 0.26
CA TYR D 106 -19.78 3.73 1.52
C TYR D 106 -20.29 4.62 2.64
N TYR D 107 -21.60 4.93 2.61
CA TYR D 107 -22.18 5.85 3.57
C TYR D 107 -23.29 5.21 4.41
N TYR D 108 -23.17 3.93 4.71
CA TYR D 108 -24.24 3.30 5.50
C TYR D 108 -23.75 2.52 6.70
N GLY D 109 -23.07 1.39 6.51
CA GLY D 109 -22.62 0.65 7.67
C GLY D 109 -22.18 -0.76 7.32
N MET D 110 -21.59 -1.41 8.31
CA MET D 110 -21.09 -2.78 8.20
C MET D 110 -22.12 -3.74 8.80
N ASP D 111 -22.90 -4.41 7.94
CA ASP D 111 -23.91 -5.34 8.41
C ASP D 111 -23.30 -6.67 8.86
N VAL D 112 -22.30 -7.18 8.13
CA VAL D 112 -21.74 -8.49 8.38
C VAL D 112 -20.34 -8.33 8.96
N TRP D 113 -20.07 -9.01 10.06
CA TRP D 113 -18.77 -8.99 10.72
C TRP D 113 -18.31 -10.42 10.95
N GLY D 114 -17.00 -10.64 10.83
CA GLY D 114 -16.43 -11.92 11.17
C GLY D 114 -16.22 -12.06 12.66
N GLN D 115 -15.79 -13.25 13.07
CA GLN D 115 -15.48 -13.46 14.47
C GLN D 115 -14.20 -12.76 14.89
N GLY D 116 -13.33 -12.46 13.93
CA GLY D 116 -12.11 -11.72 14.21
C GLY D 116 -10.92 -12.66 14.41
N THR D 117 -9.74 -12.10 14.20
CA THR D 117 -8.48 -12.80 14.44
C THR D 117 -7.59 -11.92 15.31
N THR D 118 -6.89 -12.55 16.25
CA THR D 118 -6.12 -11.82 17.26
C THR D 118 -4.68 -11.66 16.79
N VAL D 119 -4.19 -10.42 16.83
CA VAL D 119 -2.80 -10.10 16.51
C VAL D 119 -2.15 -9.52 17.75
N THR D 120 -1.00 -10.06 18.14
CA THR D 120 -0.30 -9.62 19.33
C THR D 120 1.15 -9.33 18.96
N VAL D 121 1.58 -8.08 19.16
CA VAL D 121 2.93 -7.65 18.85
C VAL D 121 3.68 -7.48 20.16
N SER D 122 4.69 -8.31 20.38
CA SER D 122 5.50 -8.24 21.59
C SER D 122 6.87 -8.81 21.27
N SER D 123 7.91 -8.15 21.78
CA SER D 123 9.30 -8.60 21.61
C SER D 123 9.67 -9.65 22.65
N ALA D 124 9.01 -10.80 22.59
CA ALA D 124 9.32 -11.82 23.59
C ALA D 124 9.55 -13.20 23.01
N SER D 125 9.24 -14.22 23.82
CA SER D 125 9.38 -15.63 23.50
C SER D 125 8.48 -16.40 24.46
N THR D 126 8.20 -17.65 24.10
CA THR D 126 7.26 -18.46 24.89
C THR D 126 7.78 -18.70 26.30
N LYS D 127 7.37 -17.85 27.23
CA LYS D 127 7.74 -17.93 28.64
C LYS D 127 6.68 -18.68 29.42
N GLY D 128 7.11 -19.47 30.40
CA GLY D 128 6.20 -20.21 31.25
C GLY D 128 5.79 -19.44 32.49
N PRO D 129 4.65 -19.79 33.07
CA PRO D 129 4.13 -19.06 34.23
C PRO D 129 4.63 -19.58 35.57
N SER D 130 4.98 -18.65 36.45
CA SER D 130 5.26 -18.96 37.84
C SER D 130 3.96 -18.86 38.64
N VAL D 131 3.75 -19.83 39.53
CA VAL D 131 2.52 -19.93 40.31
C VAL D 131 2.87 -19.77 41.78
N PHE D 132 2.28 -18.78 42.44
CA PHE D 132 2.55 -18.48 43.84
C PHE D 132 1.25 -18.47 44.62
N PRO D 133 1.25 -19.00 45.84
CA PRO D 133 0.01 -19.05 46.62
C PRO D 133 -0.36 -17.71 47.23
N LEU D 134 -1.65 -17.44 47.25
CA LEU D 134 -2.25 -16.29 47.94
C LEU D 134 -2.89 -16.89 49.19
N ALA D 135 -2.12 -16.98 50.27
CA ALA D 135 -2.55 -17.77 51.41
C ALA D 135 -3.52 -17.00 52.30
N PRO D 136 -4.52 -17.68 52.86
CA PRO D 136 -5.44 -17.04 53.79
C PRO D 136 -4.87 -16.98 55.20
N SER D 137 -5.28 -15.96 55.95
CA SER D 137 -4.72 -15.74 57.28
C SER D 137 -5.56 -14.75 58.07
N SER D 138 -5.01 -14.24 59.17
CA SER D 138 -5.72 -13.28 60.00
C SER D 138 -6.14 -12.06 59.19
N LYS D 139 -5.28 -11.59 58.29
CA LYS D 139 -5.71 -10.43 57.51
C LYS D 139 -6.06 -10.87 56.10
N SER D 140 -7.01 -11.80 56.03
CA SER D 140 -7.58 -12.29 54.78
C SER D 140 -8.94 -12.91 55.04
N THR D 141 -9.44 -12.74 56.26
CA THR D 141 -10.72 -13.32 56.69
C THR D 141 -11.62 -12.23 57.26
N SER D 142 -12.62 -11.80 56.51
CA SER D 142 -13.56 -10.83 57.06
C SER D 142 -14.28 -11.43 58.26
N GLY D 143 -15.43 -12.08 58.03
CA GLY D 143 -16.13 -12.74 59.10
C GLY D 143 -15.94 -14.25 59.04
N GLY D 144 -17.03 -14.97 58.79
CA GLY D 144 -16.97 -16.40 58.59
C GLY D 144 -16.56 -16.83 57.20
N THR D 145 -16.06 -15.90 56.39
CA THR D 145 -15.64 -16.17 55.02
C THR D 145 -14.18 -15.81 54.85
N ALA D 146 -13.42 -16.75 54.29
CA ALA D 146 -12.00 -16.57 54.01
C ALA D 146 -11.77 -16.48 52.50
N ALA D 147 -10.63 -15.91 52.14
CA ALA D 147 -10.23 -15.77 50.75
C ALA D 147 -8.84 -16.35 50.54
N LEU D 148 -8.68 -17.11 49.45
CA LEU D 148 -7.40 -17.64 49.06
C LEU D 148 -7.33 -17.68 47.54
N GLY D 149 -6.12 -17.83 47.02
CA GLY D 149 -5.96 -17.84 45.59
C GLY D 149 -4.54 -18.21 45.16
N CYS D 150 -4.26 -17.93 43.89
CA CYS D 150 -2.96 -18.23 43.30
C CYS D 150 -2.58 -17.13 42.34
N LEU D 151 -1.37 -16.58 42.51
CA LEU D 151 -0.81 -15.62 41.58
C LEU D 151 -0.05 -16.37 40.49
N VAL D 152 -0.46 -16.17 39.25
CA VAL D 152 0.13 -16.83 38.08
C VAL D 152 0.83 -15.74 37.29
N LYS D 153 2.15 -15.64 37.44
CA LYS D 153 2.91 -14.46 37.03
C LYS D 153 3.91 -14.80 35.94
N ASP D 154 4.08 -13.86 35.01
CA ASP D 154 5.18 -13.86 34.04
C ASP D 154 5.12 -15.03 33.07
N TYR D 155 4.05 -15.10 32.28
CA TYR D 155 3.88 -16.09 31.23
C TYR D 155 3.62 -15.39 29.91
N PHE D 156 3.77 -16.14 28.82
CA PHE D 156 3.48 -15.61 27.50
C PHE D 156 3.27 -16.76 26.52
N PRO D 157 2.23 -16.72 25.67
CA PRO D 157 1.18 -15.69 25.57
C PRO D 157 -0.13 -16.07 26.26
N GLU D 158 -1.19 -15.32 25.95
CA GLU D 158 -2.54 -15.75 26.26
C GLU D 158 -2.91 -16.97 25.42
N PRO D 159 -3.86 -17.81 25.89
CA PRO D 159 -4.58 -17.71 27.16
C PRO D 159 -4.09 -18.71 28.21
N VAL D 160 -4.61 -18.60 29.43
CA VAL D 160 -4.43 -19.60 30.47
C VAL D 160 -5.78 -19.98 31.05
N THR D 161 -5.83 -21.20 31.62
CA THR D 161 -7.00 -21.70 32.32
C THR D 161 -6.60 -22.04 33.75
N VAL D 162 -7.39 -21.60 34.71
CA VAL D 162 -7.15 -21.88 36.12
C VAL D 162 -8.38 -22.59 36.68
N SER D 163 -8.19 -23.76 37.25
CA SER D 163 -9.24 -24.50 37.94
C SER D 163 -8.84 -24.76 39.39
N TRP D 164 -9.84 -25.03 40.21
CA TRP D 164 -9.64 -25.28 41.64
C TRP D 164 -10.10 -26.68 41.98
N ASN D 165 -9.22 -27.45 42.61
CA ASN D 165 -9.50 -28.85 42.98
C ASN D 165 -9.89 -29.67 41.76
N SER D 166 -9.16 -29.48 40.66
CA SER D 166 -9.37 -30.21 39.41
C SER D 166 -10.77 -30.00 38.85
N GLY D 167 -11.34 -28.82 39.10
CA GLY D 167 -12.66 -28.48 38.60
C GLY D 167 -13.80 -28.75 39.55
N ALA D 168 -13.54 -29.37 40.71
CA ALA D 168 -14.59 -29.65 41.66
C ALA D 168 -15.08 -28.40 42.39
N LEU D 169 -14.25 -27.37 42.47
CA LEU D 169 -14.60 -26.13 43.17
C LEU D 169 -14.77 -25.02 42.14
N THR D 170 -16.00 -24.56 41.96
CA THR D 170 -16.31 -23.52 40.98
C THR D 170 -17.03 -22.35 41.61
N SER D 171 -17.78 -22.61 42.68
CA SER D 171 -18.57 -21.56 43.32
C SER D 171 -17.65 -20.57 44.04
N GLY D 172 -17.92 -19.28 43.84
CA GLY D 172 -17.15 -18.24 44.47
C GLY D 172 -15.80 -17.96 43.84
N VAL D 173 -15.49 -18.59 42.72
CA VAL D 173 -14.20 -18.40 42.05
C VAL D 173 -14.25 -17.16 41.17
N HIS D 174 -13.21 -16.35 41.24
CA HIS D 174 -13.06 -15.19 40.36
C HIS D 174 -11.67 -15.24 39.73
N THR D 175 -11.63 -15.53 38.42
CA THR D 175 -10.39 -15.54 37.66
C THR D 175 -10.30 -14.21 36.91
N PHE D 176 -9.41 -13.34 37.38
CA PHE D 176 -9.35 -11.97 36.87
C PHE D 176 -8.79 -11.95 35.44
N PRO D 177 -9.21 -10.97 34.63
CA PRO D 177 -8.60 -10.80 33.30
C PRO D 177 -7.13 -10.44 33.39
N ALA D 178 -6.37 -10.86 32.38
CA ALA D 178 -4.93 -10.67 32.36
C ALA D 178 -4.56 -9.19 32.26
N VAL D 179 -3.33 -8.89 32.68
CA VAL D 179 -2.74 -7.55 32.57
C VAL D 179 -1.36 -7.67 31.93
N LEU D 180 -1.01 -6.69 31.10
CA LEU D 180 0.30 -6.63 30.45
C LEU D 180 1.22 -5.75 31.29
N GLN D 181 2.28 -6.36 31.83
CA GLN D 181 3.25 -5.65 32.66
C GLN D 181 4.27 -4.92 31.78
N SER D 182 5.11 -4.12 32.44
CA SER D 182 6.18 -3.42 31.73
C SER D 182 7.20 -4.39 31.16
N SER D 183 7.40 -5.53 31.83
CA SER D 183 8.32 -6.54 31.33
C SER D 183 7.86 -7.12 30.00
N GLY D 184 6.55 -7.18 29.78
CA GLY D 184 5.99 -7.74 28.57
C GLY D 184 5.26 -9.05 28.79
N LEU D 185 5.28 -9.58 30.01
CA LEU D 185 4.59 -10.82 30.32
C LEU D 185 3.28 -10.52 31.05
N TYR D 186 2.44 -11.54 31.16
CA TYR D 186 1.13 -11.39 31.78
C TYR D 186 1.16 -12.03 33.16
N SER D 187 0.38 -11.45 34.07
CA SER D 187 0.34 -11.93 35.46
CA SER D 187 0.34 -11.93 35.46
C SER D 187 -1.06 -11.67 36.01
N LEU D 188 -1.87 -12.72 36.10
CA LEU D 188 -3.20 -12.63 36.68
C LEU D 188 -3.25 -13.53 37.92
N SER D 189 -4.17 -13.20 38.82
CA SER D 189 -4.42 -13.99 40.01
C SER D 189 -5.85 -14.51 39.99
N SER D 190 -6.04 -15.74 40.44
CA SER D 190 -7.35 -16.37 40.54
C SER D 190 -7.65 -16.61 42.01
N VAL D 191 -8.77 -16.07 42.48
CA VAL D 191 -9.14 -16.12 43.89
C VAL D 191 -10.43 -16.91 44.05
N VAL D 192 -10.69 -17.33 45.28
CA VAL D 192 -11.92 -18.04 45.62
C VAL D 192 -12.23 -17.78 47.10
N THR D 193 -13.51 -17.51 47.38
CA THR D 193 -13.97 -17.33 48.74
C THR D 193 -14.56 -18.64 49.27
N VAL D 194 -14.10 -19.06 50.44
CA VAL D 194 -14.51 -20.32 51.04
C VAL D 194 -14.86 -20.06 52.50
N PRO D 195 -15.64 -20.95 53.11
CA PRO D 195 -15.90 -20.83 54.55
C PRO D 195 -14.58 -20.83 55.34
N SER D 196 -14.45 -19.85 56.23
CA SER D 196 -13.25 -19.75 57.05
C SER D 196 -13.05 -20.99 57.92
N SER D 197 -14.13 -21.69 58.25
CA SER D 197 -14.01 -22.93 59.01
C SER D 197 -13.34 -24.04 58.21
N SER D 198 -13.41 -23.97 56.88
CA SER D 198 -12.87 -25.00 56.01
C SER D 198 -11.35 -24.88 55.81
N LEU D 199 -10.72 -23.84 56.36
CA LEU D 199 -9.29 -23.65 56.15
C LEU D 199 -8.46 -24.74 56.83
N GLY D 200 -8.92 -25.23 57.99
CA GLY D 200 -8.15 -26.22 58.71
C GLY D 200 -8.38 -27.65 58.26
N THR D 201 -9.55 -27.94 57.69
CA THR D 201 -9.94 -29.30 57.39
C THR D 201 -9.86 -29.68 55.92
N GLN D 202 -10.05 -28.73 55.01
CA GLN D 202 -10.16 -29.03 53.59
C GLN D 202 -8.94 -28.53 52.83
N THR D 203 -8.69 -29.16 51.69
CA THR D 203 -7.52 -28.88 50.86
C THR D 203 -7.94 -28.09 49.63
N TYR D 204 -7.19 -27.03 49.33
CA TYR D 204 -7.46 -26.17 48.18
C TYR D 204 -6.23 -26.16 47.28
N ILE D 205 -6.41 -26.59 46.03
CA ILE D 205 -5.33 -26.63 45.05
C ILE D 205 -5.80 -25.93 43.78
N CYS D 206 -4.98 -25.04 43.26
CA CYS D 206 -5.24 -24.39 41.98
C CYS D 206 -4.45 -25.10 40.89
N ASN D 207 -5.11 -25.32 39.75
CA ASN D 207 -4.53 -26.05 38.63
C ASN D 207 -4.39 -25.10 37.45
N VAL D 208 -3.15 -24.73 37.12
CA VAL D 208 -2.87 -23.77 36.06
C VAL D 208 -2.38 -24.52 34.84
N ASN D 209 -2.94 -24.18 33.68
CA ASN D 209 -2.58 -24.82 32.42
C ASN D 209 -2.25 -23.74 31.40
N HIS D 210 -1.06 -23.82 30.80
CA HIS D 210 -0.64 -22.91 29.74
C HIS D 210 -0.27 -23.76 28.54
N LYS D 211 -1.22 -23.92 27.62
CA LYS D 211 -1.02 -24.81 26.48
C LYS D 211 0.14 -24.41 25.56
N PRO D 212 0.35 -23.13 25.21
CA PRO D 212 1.48 -22.81 24.32
C PRO D 212 2.82 -23.27 24.86
N SER D 213 3.00 -23.30 26.17
CA SER D 213 4.24 -23.76 26.78
C SER D 213 4.12 -25.14 27.41
N ASN D 214 2.95 -25.78 27.31
CA ASN D 214 2.70 -27.10 27.90
C ASN D 214 3.01 -27.11 29.39
N THR D 215 2.77 -25.98 30.05
CA THR D 215 3.01 -25.86 31.49
C THR D 215 1.77 -26.30 32.27
N LYS D 216 1.95 -27.23 33.19
CA LYS D 216 0.91 -27.65 34.10
C LYS D 216 1.45 -27.60 35.52
N VAL D 217 0.85 -26.78 36.37
CA VAL D 217 1.33 -26.55 37.73
C VAL D 217 0.15 -26.64 38.69
N ASP D 218 0.29 -27.47 39.72
CA ASP D 218 -0.65 -27.52 40.83
C ASP D 218 -0.04 -26.84 42.04
N LYS D 219 -0.82 -26.01 42.72
CA LYS D 219 -0.33 -25.25 43.86
C LYS D 219 -1.38 -25.27 44.96
N ARG D 220 -1.09 -25.96 46.06
CA ARG D 220 -1.96 -25.99 47.21
C ARG D 220 -1.82 -24.70 48.02
N VAL D 221 -2.96 -24.09 48.35
CA VAL D 221 -3.00 -22.84 49.11
C VAL D 221 -3.39 -23.18 50.54
N GLU D 222 -2.44 -23.06 51.45
CA GLU D 222 -2.62 -23.37 52.86
C GLU D 222 -2.39 -22.12 53.70
N PRO D 223 -2.97 -22.06 54.91
CA PRO D 223 -2.81 -20.87 55.76
C PRO D 223 -1.34 -20.58 56.07
N LYS D 224 -1.06 -19.30 56.28
CA LYS D 224 0.28 -18.84 56.58
C LYS D 224 0.56 -18.91 58.08
N THR E 4 -65.05 32.73 -16.16
CA THR E 4 -64.56 32.25 -14.88
C THR E 4 -63.45 31.23 -15.07
N ASN E 5 -62.26 31.71 -15.44
CA ASN E 5 -61.10 30.85 -15.59
C ASN E 5 -60.86 30.08 -14.29
N LEU E 6 -61.16 28.79 -14.30
CA LEU E 6 -60.99 27.99 -13.09
C LEU E 6 -59.52 27.66 -12.91
N CYS E 7 -58.99 27.93 -11.73
CA CYS E 7 -57.58 27.69 -11.47
C CYS E 7 -57.27 26.20 -11.64
N PRO E 8 -56.21 25.86 -12.36
CA PRO E 8 -55.93 24.43 -12.64
C PRO E 8 -55.45 23.69 -11.41
N PHE E 9 -56.38 23.35 -10.52
CA PHE E 9 -56.05 22.56 -9.34
C PHE E 9 -56.19 21.06 -9.59
N ASP E 10 -57.05 20.66 -10.53
CA ASP E 10 -57.18 19.25 -10.86
C ASP E 10 -55.90 18.70 -11.50
N GLU E 11 -55.20 19.53 -12.29
CA GLU E 11 -53.97 19.08 -12.94
C GLU E 11 -52.85 18.80 -11.93
N VAL E 12 -52.93 19.35 -10.74
CA VAL E 12 -51.87 19.18 -9.74
C VAL E 12 -52.16 17.99 -8.82
N PHE E 13 -53.40 17.89 -8.33
CA PHE E 13 -53.74 16.80 -7.42
C PHE E 13 -54.00 15.49 -8.16
N ASN E 14 -54.73 15.55 -9.27
CA ASN E 14 -55.09 14.36 -10.03
C ASN E 14 -54.03 13.98 -11.06
N ALA E 15 -52.81 14.48 -10.90
CA ALA E 15 -51.73 14.13 -11.81
C ALA E 15 -51.38 12.65 -11.66
N THR E 16 -51.17 11.98 -12.81
CA THR E 16 -50.88 10.55 -12.77
C THR E 16 -49.47 10.27 -12.29
N ARG E 17 -48.51 11.15 -12.60
CA ARG E 17 -47.13 10.98 -12.20
C ARG E 17 -46.64 12.23 -11.49
N PHE E 18 -46.01 12.06 -10.34
CA PHE E 18 -45.42 13.16 -9.58
C PHE E 18 -43.92 13.22 -9.79
N ALA E 19 -43.34 14.35 -9.42
CA ALA E 19 -41.90 14.56 -9.56
C ALA E 19 -41.17 14.11 -8.30
N SER E 20 -39.86 13.94 -8.44
CA SER E 20 -39.03 13.64 -7.28
C SER E 20 -38.88 14.88 -6.41
N VAL E 21 -38.54 14.66 -5.14
CA VAL E 21 -38.48 15.76 -4.18
C VAL E 21 -37.32 16.69 -4.50
N TYR E 22 -36.22 16.16 -5.05
CA TYR E 22 -35.09 17.02 -5.39
C TYR E 22 -35.41 17.89 -6.60
N ALA E 23 -36.23 17.39 -7.53
CA ALA E 23 -36.65 18.15 -8.69
C ALA E 23 -38.15 18.40 -8.64
N TRP E 24 -38.61 19.01 -7.55
CA TRP E 24 -40.04 19.24 -7.36
C TRP E 24 -40.58 20.18 -8.43
N ASN E 25 -41.76 19.83 -8.96
CA ASN E 25 -42.41 20.64 -9.98
C ASN E 25 -43.25 21.73 -9.33
N ARG E 26 -43.29 22.89 -9.97
CA ARG E 26 -44.08 24.02 -9.49
C ARG E 26 -44.98 24.49 -10.62
N LYS E 27 -46.28 24.58 -10.33
CA LYS E 27 -47.27 25.06 -11.29
C LYS E 27 -47.67 26.47 -10.89
N ARG E 28 -47.30 27.45 -11.72
CA ARG E 28 -47.63 28.85 -11.43
C ARG E 28 -49.07 29.12 -11.85
N ILE E 29 -49.91 29.44 -10.86
CA ILE E 29 -51.34 29.63 -11.07
C ILE E 29 -51.66 31.10 -10.83
N SER E 30 -52.22 31.77 -11.84
CA SER E 30 -52.53 33.18 -11.74
C SER E 30 -53.66 33.51 -12.70
N ASN E 31 -54.35 34.61 -12.39
CA ASN E 31 -55.46 35.13 -13.21
C ASN E 31 -56.51 34.05 -13.44
N CYS E 32 -57.18 33.68 -12.35
CA CYS E 32 -58.16 32.61 -12.40
C CYS E 32 -59.09 32.72 -11.19
N VAL E 33 -60.19 31.98 -11.27
CA VAL E 33 -61.15 31.86 -10.17
C VAL E 33 -60.87 30.56 -9.44
N ALA E 34 -60.56 30.66 -8.15
CA ALA E 34 -60.11 29.52 -7.37
C ALA E 34 -61.31 28.79 -6.78
N ASP E 35 -61.60 27.60 -7.32
CA ASP E 35 -62.65 26.74 -6.79
C ASP E 35 -62.04 25.88 -5.67
N TYR E 36 -61.86 26.50 -4.51
CA TYR E 36 -61.34 25.81 -3.34
C TYR E 36 -62.29 24.71 -2.90
N SER E 37 -61.98 23.46 -3.25
CA SER E 37 -62.82 22.33 -2.87
C SER E 37 -61.98 21.07 -2.66
N PHE E 45 -57.73 10.69 5.97
CA PHE E 45 -56.50 10.07 5.51
C PHE E 45 -55.67 11.07 4.69
N PHE E 46 -55.78 12.34 5.06
CA PHE E 46 -55.11 13.43 4.37
C PHE E 46 -54.38 14.30 5.39
N THR E 47 -53.08 14.49 5.19
CA THR E 47 -52.36 15.43 6.01
C THR E 47 -52.55 16.83 5.43
N PHE E 48 -52.85 17.78 6.31
CA PHE E 48 -53.23 19.12 5.86
C PHE E 48 -52.79 20.10 6.95
N LYS E 49 -51.74 20.87 6.65
CA LYS E 49 -51.19 21.84 7.59
C LYS E 49 -51.13 23.20 6.89
N CYS E 50 -51.80 24.19 7.46
CA CYS E 50 -51.81 25.54 6.92
C CYS E 50 -50.97 26.45 7.81
N TYR E 51 -50.26 27.39 7.19
CA TYR E 51 -49.37 28.29 7.89
C TYR E 51 -49.56 29.70 7.37
N GLY E 52 -49.73 30.65 8.30
CA GLY E 52 -49.87 32.05 7.96
C GLY E 52 -51.23 32.47 7.44
N VAL E 53 -52.11 31.53 7.11
CA VAL E 53 -53.42 31.86 6.56
C VAL E 53 -54.39 30.76 6.96
N SER E 54 -55.66 31.13 7.09
CA SER E 54 -56.76 30.23 7.43
C SER E 54 -57.48 29.79 6.17
N PRO E 55 -57.83 28.50 6.07
CA PRO E 55 -58.50 28.02 4.85
C PRO E 55 -59.90 28.56 4.70
N THR E 56 -60.64 28.72 5.80
CA THR E 56 -61.98 29.28 5.75
C THR E 56 -62.01 30.72 5.27
N LYS E 57 -60.86 31.39 5.20
CA LYS E 57 -60.76 32.74 4.66
C LYS E 57 -60.15 32.79 3.27
N LEU E 58 -59.77 31.65 2.70
CA LEU E 58 -59.13 31.66 1.39
C LEU E 58 -60.12 32.10 0.30
N ASN E 59 -61.41 31.80 0.47
CA ASN E 59 -62.41 32.22 -0.49
C ASN E 59 -62.65 33.72 -0.45
N ASP E 60 -62.23 34.40 0.62
CA ASP E 60 -62.43 35.83 0.77
C ASP E 60 -61.15 36.64 0.55
N LEU E 61 -60.11 36.02 0.00
CA LEU E 61 -58.83 36.68 -0.21
C LEU E 61 -58.39 36.54 -1.66
N CYS E 62 -57.84 37.63 -2.20
CA CYS E 62 -57.25 37.63 -3.53
C CYS E 62 -55.74 37.71 -3.42
N PHE E 63 -55.05 36.89 -4.20
CA PHE E 63 -53.59 36.83 -4.17
C PHE E 63 -53.03 37.19 -5.54
N THR E 64 -51.77 37.65 -5.53
CA THR E 64 -51.09 37.98 -6.78
C THR E 64 -50.74 36.72 -7.56
N ASN E 65 -50.06 35.78 -6.91
CA ASN E 65 -49.72 34.51 -7.52
C ASN E 65 -49.85 33.39 -6.49
N VAL E 66 -50.28 32.22 -6.96
CA VAL E 66 -50.39 31.03 -6.13
C VAL E 66 -49.57 29.93 -6.78
N TYR E 67 -48.57 29.43 -6.05
CA TYR E 67 -47.64 28.43 -6.57
C TYR E 67 -48.02 27.06 -6.03
N ALA E 68 -48.03 26.06 -6.91
CA ALA E 68 -48.41 24.70 -6.57
C ALA E 68 -47.19 23.80 -6.73
N ASP E 69 -46.55 23.47 -5.62
CA ASP E 69 -45.38 22.61 -5.60
C ASP E 69 -45.82 21.17 -5.30
N SER E 70 -45.40 20.24 -6.14
CA SER E 70 -45.75 18.84 -5.99
C SER E 70 -44.51 17.97 -6.11
N PHE E 71 -44.44 16.94 -5.27
CA PHE E 71 -43.32 16.00 -5.25
C PHE E 71 -43.76 14.78 -4.44
N VAL E 72 -42.81 13.89 -4.17
CA VAL E 72 -43.10 12.64 -3.47
C VAL E 72 -41.97 12.35 -2.48
N ILE E 73 -42.34 12.06 -1.23
CA ILE E 73 -41.43 11.61 -0.19
C ILE E 73 -42.06 10.42 0.52
N ARG E 74 -41.37 9.93 1.55
CA ARG E 74 -41.89 8.85 2.37
C ARG E 74 -42.53 9.41 3.64
N GLY E 75 -43.25 8.53 4.35
CA GLY E 75 -44.08 8.99 5.44
C GLY E 75 -43.31 9.68 6.56
N ASP E 76 -42.13 9.15 6.88
CA ASP E 76 -41.33 9.72 7.96
C ASP E 76 -40.74 11.08 7.63
N GLU E 77 -40.89 11.55 6.39
CA GLU E 77 -40.31 12.81 5.95
C GLU E 77 -41.36 13.89 5.71
N VAL E 78 -42.64 13.59 5.89
CA VAL E 78 -43.68 14.59 5.67
C VAL E 78 -43.62 15.67 6.74
N ARG E 79 -43.17 15.33 7.95
CA ARG E 79 -43.07 16.31 9.02
C ARG E 79 -42.05 17.40 8.73
N GLN E 80 -41.16 17.18 7.75
CA GLN E 80 -40.16 18.19 7.41
C GLN E 80 -40.69 19.24 6.45
N ILE E 81 -41.75 18.93 5.70
CA ILE E 81 -42.35 19.91 4.79
C ILE E 81 -43.16 20.90 5.62
N ALA E 82 -42.46 21.80 6.31
CA ALA E 82 -43.10 22.79 7.18
C ALA E 82 -42.09 23.89 7.46
N PRO E 83 -42.55 25.09 7.80
CA PRO E 83 -41.60 26.17 8.15
C PRO E 83 -40.80 25.82 9.40
N GLY E 84 -39.52 26.16 9.35
CA GLY E 84 -38.62 25.93 10.47
C GLY E 84 -38.38 24.46 10.77
N GLN E 85 -38.06 23.69 9.73
CA GLN E 85 -37.78 22.28 9.87
C GLN E 85 -36.41 21.94 9.28
N THR E 86 -35.76 20.95 9.85
CA THR E 86 -34.46 20.48 9.39
C THR E 86 -34.54 19.00 9.06
N GLY E 87 -33.58 18.55 8.27
CA GLY E 87 -33.54 17.18 7.81
C GLY E 87 -33.01 17.10 6.40
N ASN E 88 -32.91 15.86 5.90
CA ASN E 88 -32.37 15.65 4.56
C ASN E 88 -33.29 16.22 3.49
N ILE E 89 -34.60 16.13 3.69
CA ILE E 89 -35.55 16.67 2.72
C ILE E 89 -35.61 18.19 2.83
N ALA E 90 -35.66 18.71 4.06
CA ALA E 90 -35.78 20.15 4.25
C ALA E 90 -34.50 20.87 3.83
N ASP E 91 -33.33 20.36 4.21
CA ASP E 91 -32.09 21.07 3.95
C ASP E 91 -31.56 20.86 2.54
N TYR E 92 -31.83 19.70 1.94
CA TYR E 92 -31.18 19.32 0.68
C TYR E 92 -32.14 19.07 -0.47
N ASN E 93 -33.45 19.22 -0.26
CA ASN E 93 -34.40 18.92 -1.34
C ASN E 93 -35.43 20.02 -1.52
N TYR E 94 -36.23 20.30 -0.48
CA TYR E 94 -37.29 21.28 -0.58
C TYR E 94 -37.43 21.97 0.77
N LYS E 95 -37.09 23.26 0.81
CA LYS E 95 -37.13 24.05 2.03
C LYS E 95 -38.25 25.08 1.96
N LEU E 96 -38.97 25.23 3.09
CA LEU E 96 -39.98 26.25 3.25
C LEU E 96 -39.47 27.37 4.14
N PRO E 97 -39.76 28.63 3.83
CA PRO E 97 -39.27 29.75 4.65
C PRO E 97 -39.94 29.76 6.02
N ASP E 98 -39.34 30.52 6.93
CA ASP E 98 -39.87 30.60 8.29
C ASP E 98 -41.20 31.34 8.33
N ASP E 99 -41.38 32.33 7.46
CA ASP E 99 -42.64 33.07 7.34
C ASP E 99 -43.50 32.53 6.20
N PHE E 100 -43.54 31.21 6.04
CA PHE E 100 -44.28 30.61 4.94
C PHE E 100 -45.78 30.86 5.11
N THR E 101 -46.40 31.42 4.07
CA THR E 101 -47.83 31.71 4.06
C THR E 101 -48.48 30.77 3.04
N GLY E 102 -49.10 29.71 3.55
CA GLY E 102 -49.73 28.73 2.68
C GLY E 102 -50.07 27.47 3.44
N CYS E 103 -50.49 26.46 2.69
CA CYS E 103 -50.89 25.18 3.25
C CYS E 103 -50.10 24.06 2.61
N VAL E 104 -49.99 22.95 3.34
CA VAL E 104 -49.30 21.75 2.88
C VAL E 104 -50.30 20.60 2.89
N ILE E 105 -50.34 19.84 1.81
CA ILE E 105 -51.27 18.72 1.65
C ILE E 105 -50.47 17.48 1.32
N ALA E 106 -50.74 16.39 2.02
CA ALA E 106 -50.02 15.14 1.81
C ALA E 106 -50.96 13.97 2.08
N TRP E 107 -50.85 12.93 1.26
CA TRP E 107 -51.65 11.73 1.41
C TRP E 107 -50.82 10.51 1.02
N ASN E 108 -51.13 9.38 1.64
CA ASN E 108 -50.43 8.14 1.36
C ASN E 108 -50.78 7.64 -0.04
N SER E 109 -49.77 7.49 -0.89
CA SER E 109 -49.97 6.99 -2.24
C SER E 109 -49.29 5.64 -2.42
N ASN E 110 -49.49 4.73 -1.46
CA ASN E 110 -48.87 3.42 -1.54
C ASN E 110 -49.47 2.57 -2.65
N LYS E 111 -50.73 2.84 -3.01
CA LYS E 111 -51.39 2.11 -4.09
C LYS E 111 -51.05 2.64 -5.47
N LEU E 112 -50.23 3.69 -5.56
CA LEU E 112 -49.92 4.33 -6.83
C LEU E 112 -48.44 4.34 -7.16
N ASP E 113 -47.57 4.62 -6.19
CA ASP E 113 -46.16 4.84 -6.44
C ASP E 113 -45.28 3.74 -5.87
N SER E 114 -45.84 2.58 -5.55
CA SER E 114 -45.09 1.46 -4.98
C SER E 114 -45.32 0.23 -5.82
N LYS E 115 -44.25 -0.35 -6.34
CA LYS E 115 -44.29 -1.59 -7.10
C LYS E 115 -43.77 -2.75 -6.26
N VAL E 116 -44.16 -3.96 -6.65
CA VAL E 116 -43.76 -5.15 -5.91
C VAL E 116 -42.25 -5.32 -5.93
N SER E 117 -41.63 -5.06 -7.08
CA SER E 117 -40.19 -5.17 -7.24
C SER E 117 -39.46 -3.89 -6.82
N GLY E 118 -40.16 -2.93 -6.23
CA GLY E 118 -39.54 -1.68 -5.87
C GLY E 118 -39.64 -0.64 -6.97
N ASN E 119 -40.07 0.57 -6.61
CA ASN E 119 -40.21 1.67 -7.56
C ASN E 119 -39.06 2.64 -7.35
N TYR E 120 -37.93 2.37 -8.00
CA TYR E 120 -36.73 3.18 -7.88
C TYR E 120 -36.78 4.46 -8.72
N ASN E 121 -37.95 4.79 -9.29
CA ASN E 121 -38.03 5.97 -10.16
C ASN E 121 -37.93 7.26 -9.36
N TYR E 122 -38.54 7.31 -8.18
CA TYR E 122 -38.49 8.50 -7.35
C TYR E 122 -37.13 8.61 -6.68
N LEU E 123 -36.54 9.81 -6.74
CA LEU E 123 -35.20 10.05 -6.23
C LEU E 123 -35.24 11.15 -5.18
N TYR E 124 -34.13 11.29 -4.46
CA TYR E 124 -33.98 12.32 -3.44
C TYR E 124 -32.50 12.60 -3.25
N ARG E 125 -32.20 13.84 -2.86
CA ARG E 125 -30.83 14.30 -2.74
C ARG E 125 -30.28 13.99 -1.35
N LEU E 126 -29.15 13.29 -1.31
CA LEU E 126 -28.51 12.91 -0.05
C LEU E 126 -27.51 13.98 0.38
N PHE E 127 -26.44 14.15 -0.39
CA PHE E 127 -25.33 15.02 -0.01
C PHE E 127 -25.44 16.37 -0.69
N ARG E 128 -25.09 17.42 0.06
CA ARG E 128 -25.00 18.78 -0.48
C ARG E 128 -24.10 19.58 0.45
N LYS E 129 -23.28 20.45 -0.14
CA LYS E 129 -22.27 21.17 0.63
C LYS E 129 -22.90 22.14 1.61
N SER E 130 -24.06 22.70 1.28
CA SER E 130 -24.74 23.64 2.15
C SER E 130 -26.25 23.38 2.11
N ASN E 131 -26.98 24.08 2.97
CA ASN E 131 -28.42 23.93 3.03
C ASN E 131 -29.08 24.72 1.91
N LEU E 132 -30.31 24.32 1.58
CA LEU E 132 -31.07 24.99 0.54
C LEU E 132 -31.77 26.23 1.09
N LYS E 133 -31.77 27.29 0.28
CA LYS E 133 -32.58 28.46 0.58
C LYS E 133 -34.05 28.12 0.39
N PRO E 134 -34.96 28.92 0.97
CA PRO E 134 -36.39 28.68 0.75
C PRO E 134 -36.74 28.73 -0.73
N PHE E 135 -37.48 27.72 -1.18
CA PHE E 135 -37.94 27.61 -2.57
C PHE E 135 -36.76 27.53 -3.53
N GLU E 136 -35.75 26.74 -3.17
CA GLU E 136 -34.59 26.50 -4.02
C GLU E 136 -34.66 25.08 -4.58
N ARG E 137 -34.42 24.94 -5.88
CA ARG E 137 -34.46 23.65 -6.55
C ARG E 137 -33.09 23.37 -7.16
N ASP E 138 -32.42 22.33 -6.68
CA ASP E 138 -31.09 21.96 -7.13
C ASP E 138 -31.17 20.60 -7.83
N ILE E 139 -31.04 20.60 -9.14
CA ILE E 139 -31.07 19.38 -9.94
C ILE E 139 -29.67 18.95 -10.36
N SER E 140 -28.64 19.51 -9.73
CA SER E 140 -27.26 19.17 -10.08
C SER E 140 -26.94 17.74 -9.65
N THR E 141 -26.22 17.02 -10.51
CA THR E 141 -25.79 15.65 -10.22
C THR E 141 -24.27 15.53 -10.23
N GLU E 142 -23.58 16.58 -9.79
CA GLU E 142 -22.13 16.54 -9.74
C GLU E 142 -21.68 15.64 -8.59
N ILE E 143 -20.60 14.90 -8.83
CA ILE E 143 -20.10 13.97 -7.82
C ILE E 143 -19.73 14.76 -6.57
N TYR E 144 -20.40 14.46 -5.46
CA TYR E 144 -20.20 15.20 -4.24
C TYR E 144 -18.83 14.88 -3.64
N GLN E 145 -18.05 15.91 -3.38
CA GLN E 145 -16.74 15.75 -2.75
C GLN E 145 -16.93 15.80 -1.25
N ALA E 146 -16.76 14.67 -0.58
CA ALA E 146 -16.89 14.61 0.86
C ALA E 146 -15.56 14.58 1.58
N GLY E 147 -14.53 14.04 0.95
CA GLY E 147 -13.23 13.86 1.57
C GLY E 147 -12.28 14.99 1.23
N ASN E 148 -11.00 14.71 1.41
CA ASN E 148 -9.98 15.73 1.20
C ASN E 148 -9.43 15.74 -0.22
N LYS E 149 -9.62 14.63 -1.00
CA LYS E 149 -9.19 14.51 -2.39
C LYS E 149 -10.29 14.93 -3.35
N PRO E 150 -9.92 15.38 -4.55
CA PRO E 150 -10.92 15.76 -5.55
C PRO E 150 -11.58 14.55 -6.19
N CYS E 151 -12.71 14.80 -6.85
CA CYS E 151 -13.50 13.76 -7.49
C CYS E 151 -13.33 13.72 -9.01
N ASN E 152 -13.43 14.88 -9.66
CA ASN E 152 -13.28 14.99 -11.12
C ASN E 152 -14.25 14.06 -11.84
N GLY E 153 -15.48 14.00 -11.35
CA GLY E 153 -16.50 13.17 -11.96
C GLY E 153 -16.24 11.68 -11.85
N VAL E 154 -15.60 11.25 -10.77
CA VAL E 154 -15.33 9.84 -10.53
C VAL E 154 -16.08 9.42 -9.28
N ALA E 155 -16.83 8.33 -9.38
CA ALA E 155 -17.61 7.80 -8.27
C ALA E 155 -16.76 6.75 -7.57
N GLY E 156 -16.29 7.07 -6.37
CA GLY E 156 -15.49 6.15 -5.57
C GLY E 156 -15.50 6.48 -4.10
N PHE E 157 -14.36 6.36 -3.44
CA PHE E 157 -14.27 6.66 -2.01
C PHE E 157 -14.33 8.16 -1.77
N ASN E 158 -15.27 8.57 -0.91
CA ASN E 158 -15.50 9.95 -0.54
C ASN E 158 -15.91 10.80 -1.74
N CYS E 159 -16.43 10.16 -2.78
CA CYS E 159 -16.93 10.82 -3.98
C CYS E 159 -18.12 10.01 -4.49
N TYR E 160 -19.24 10.09 -3.76
CA TYR E 160 -20.43 9.33 -4.11
C TYR E 160 -21.43 10.22 -4.83
N PHE E 161 -22.39 9.56 -5.48
CA PHE E 161 -23.46 10.26 -6.17
C PHE E 161 -24.38 10.95 -5.18
N PRO E 162 -24.71 12.22 -5.37
CA PRO E 162 -25.60 12.91 -4.41
C PRO E 162 -27.06 12.49 -4.49
N LEU E 163 -27.44 11.57 -5.37
CA LEU E 163 -28.83 11.17 -5.50
C LEU E 163 -28.97 9.67 -5.27
N ARG E 164 -30.04 9.28 -4.59
CA ARG E 164 -30.33 7.89 -4.30
C ARG E 164 -31.81 7.64 -4.59
N SER E 165 -32.18 6.36 -4.68
CA SER E 165 -33.55 5.97 -4.96
C SER E 165 -34.29 5.65 -3.66
N TYR E 166 -35.61 5.75 -3.73
CA TYR E 166 -36.47 5.49 -2.57
C TYR E 166 -36.82 4.00 -2.44
N SER E 167 -37.01 3.31 -3.56
CA SER E 167 -37.38 1.89 -3.59
C SER E 167 -38.66 1.64 -2.79
N PHE E 168 -39.75 2.17 -3.33
CA PHE E 168 -41.06 2.09 -2.68
C PHE E 168 -41.67 0.71 -2.96
N ARG E 169 -41.74 -0.12 -1.92
CA ARG E 169 -42.39 -1.42 -1.98
C ARG E 169 -43.60 -1.44 -1.05
N PRO E 170 -44.70 -2.05 -1.48
CA PRO E 170 -45.93 -2.00 -0.65
C PRO E 170 -45.82 -2.73 0.67
N THR E 171 -44.88 -3.66 0.82
CA THR E 171 -44.74 -4.42 2.05
C THR E 171 -43.97 -3.68 3.13
N TYR E 172 -43.55 -2.44 2.88
CA TYR E 172 -42.82 -1.67 3.87
C TYR E 172 -43.78 -1.04 4.87
N GLY E 173 -43.21 -0.50 5.94
CA GLY E 173 -43.99 0.20 6.93
C GLY E 173 -44.53 1.52 6.41
N VAL E 174 -45.43 2.11 7.20
CA VAL E 174 -46.08 3.36 6.80
C VAL E 174 -45.06 4.48 6.68
N GLY E 175 -44.01 4.45 7.50
CA GLY E 175 -42.97 5.46 7.42
C GLY E 175 -42.09 5.38 6.19
N HIS E 176 -42.16 4.27 5.45
CA HIS E 176 -41.38 4.08 4.24
C HIS E 176 -42.25 3.97 3.00
N GLN E 177 -43.56 4.27 3.11
CA GLN E 177 -44.48 4.27 1.99
C GLN E 177 -44.53 5.64 1.33
N PRO E 178 -44.79 5.71 0.03
CA PRO E 178 -44.77 6.99 -0.67
C PRO E 178 -45.93 7.89 -0.26
N TYR E 179 -45.63 9.17 -0.09
CA TYR E 179 -46.63 10.19 0.21
C TYR E 179 -46.49 11.31 -0.81
N ARG E 180 -47.57 11.61 -1.52
CA ARG E 180 -47.58 12.71 -2.48
C ARG E 180 -47.90 14.00 -1.75
N VAL E 181 -47.03 14.99 -1.90
CA VAL E 181 -47.15 16.26 -1.19
C VAL E 181 -47.47 17.37 -2.19
N VAL E 182 -48.41 18.23 -1.82
CA VAL E 182 -48.78 19.39 -2.62
C VAL E 182 -48.71 20.61 -1.72
N VAL E 183 -47.76 21.50 -1.97
CA VAL E 183 -47.56 22.70 -1.17
C VAL E 183 -48.09 23.89 -1.97
N LEU E 184 -49.05 24.61 -1.39
CA LEU E 184 -49.68 25.76 -2.03
C LEU E 184 -49.20 27.03 -1.34
N SER E 185 -48.45 27.85 -2.06
CA SER E 185 -47.97 29.12 -1.54
C SER E 185 -48.88 30.25 -2.01
N PHE E 186 -49.22 31.15 -1.09
CA PHE E 186 -50.08 32.29 -1.38
C PHE E 186 -49.24 33.56 -1.30
N GLU E 187 -49.00 34.18 -2.45
CA GLU E 187 -48.15 35.36 -2.52
C GLU E 187 -48.97 36.63 -2.68
N ALA E 193 -53.85 41.81 -7.57
CA ALA E 193 -54.36 40.52 -7.11
C ALA E 193 -55.34 39.92 -8.12
N THR E 194 -55.01 38.73 -8.62
CA THR E 194 -55.80 38.07 -9.66
C THR E 194 -56.36 36.71 -9.27
N VAL E 195 -55.78 36.04 -8.28
CA VAL E 195 -56.25 34.72 -7.86
C VAL E 195 -57.23 34.95 -6.71
N CYS E 196 -58.50 35.11 -7.05
CA CYS E 196 -59.56 35.30 -6.07
C CYS E 196 -60.38 34.02 -5.93
N GLY E 197 -61.20 33.98 -4.88
CA GLY E 197 -62.06 32.84 -4.63
C GLY E 197 -63.51 33.09 -4.97
N ALA F 1 -10.76 16.09 11.72
CA ALA F 1 -11.35 14.76 11.88
C ALA F 1 -12.80 14.85 12.34
N ILE F 2 -13.42 13.70 12.59
CA ILE F 2 -14.81 13.63 13.01
C ILE F 2 -14.90 12.90 14.34
N GLN F 3 -14.42 13.54 15.41
CA GLN F 3 -14.48 12.94 16.74
C GLN F 3 -15.91 12.65 17.14
N MET F 4 -16.14 11.45 17.66
CA MET F 4 -17.45 10.99 18.07
C MET F 4 -17.45 10.84 19.59
N THR F 5 -18.24 11.65 20.27
CA THR F 5 -18.30 11.67 21.73
C THR F 5 -19.64 11.11 22.19
N GLN F 6 -19.60 10.01 22.93
CA GLN F 6 -20.80 9.40 23.48
C GLN F 6 -20.97 9.79 24.94
N SER F 7 -22.24 9.90 25.36
CA SER F 7 -22.56 10.23 26.73
C SER F 7 -23.85 9.51 27.11
N PRO F 8 -23.88 8.83 28.27
CA PRO F 8 -22.77 8.71 29.21
C PRO F 8 -21.78 7.63 28.82
N SER F 9 -20.65 7.56 29.53
CA SER F 9 -19.70 6.48 29.30
C SER F 9 -20.20 5.17 29.91
N SER F 10 -21.06 5.24 30.92
CA SER F 10 -21.61 4.05 31.56
C SER F 10 -22.93 4.43 32.21
N LEU F 11 -23.85 3.46 32.26
CA LEU F 11 -25.15 3.67 32.88
C LEU F 11 -25.63 2.35 33.46
N SER F 12 -26.51 2.46 34.46
CA SER F 12 -27.09 1.30 35.13
C SER F 12 -28.61 1.41 35.05
N ALA F 13 -29.25 0.42 34.44
CA ALA F 13 -30.69 0.38 34.32
C ALA F 13 -31.17 -1.06 34.48
N SER F 14 -32.46 -1.21 34.79
CA SER F 14 -33.06 -2.51 35.01
C SER F 14 -33.89 -2.94 33.81
N VAL F 15 -34.36 -4.18 33.86
CA VAL F 15 -35.17 -4.74 32.77
C VAL F 15 -36.49 -3.98 32.70
N GLY F 16 -36.83 -3.51 31.50
CA GLY F 16 -38.05 -2.75 31.28
C GLY F 16 -37.86 -1.24 31.26
N ASP F 17 -36.70 -0.74 31.67
CA ASP F 17 -36.45 0.69 31.68
C ASP F 17 -36.29 1.21 30.26
N ARG F 18 -36.36 2.54 30.13
CA ARG F 18 -36.13 3.22 28.85
C ARG F 18 -34.75 3.84 28.88
N VAL F 19 -33.86 3.35 28.03
CA VAL F 19 -32.47 3.79 27.99
C VAL F 19 -32.26 4.63 26.74
N THR F 20 -31.62 5.79 26.91
CA THR F 20 -31.30 6.68 25.81
C THR F 20 -29.82 7.00 25.84
N ILE F 21 -29.14 6.77 24.73
CA ILE F 21 -27.70 7.00 24.61
C ILE F 21 -27.47 8.14 23.64
N THR F 22 -26.58 9.06 24.00
CA THR F 22 -26.33 10.27 23.24
C THR F 22 -24.98 10.15 22.52
N CYS F 23 -24.94 10.64 21.28
CA CYS F 23 -23.74 10.60 20.45
C CYS F 23 -23.59 11.94 19.75
N ARG F 24 -22.47 12.62 19.99
CA ARG F 24 -22.22 13.93 19.40
C ARG F 24 -21.05 13.86 18.44
N THR F 25 -21.08 14.74 17.43
CA THR F 25 -20.06 14.80 16.40
C THR F 25 -19.34 16.14 16.46
N SER F 26 -18.06 16.12 16.12
CA SER F 26 -17.28 17.37 16.11
C SER F 26 -17.78 18.33 15.03
N GLN F 27 -18.38 17.81 13.97
CA GLN F 27 -18.97 18.66 12.93
C GLN F 27 -20.17 17.92 12.34
N THR F 28 -20.89 18.62 11.46
CA THR F 28 -22.11 18.09 10.89
C THR F 28 -21.81 16.86 10.03
N ILE F 29 -22.52 15.76 10.30
CA ILE F 29 -22.41 14.54 9.51
C ILE F 29 -23.71 14.21 8.80
N SER F 30 -24.65 15.15 8.73
CA SER F 30 -25.97 14.96 8.13
C SER F 30 -26.63 13.79 8.88
N SER F 31 -27.25 12.84 8.17
CA SER F 31 -27.94 11.74 8.84
C SER F 31 -27.36 10.39 8.44
N TYR F 32 -26.06 10.21 8.67
CA TYR F 32 -25.37 8.97 8.32
C TYR F 32 -24.67 8.38 9.54
N LEU F 33 -25.32 8.45 10.69
CA LEU F 33 -24.80 7.88 11.92
C LEU F 33 -25.34 6.48 12.10
N ASN F 34 -24.48 5.59 12.61
CA ASN F 34 -24.80 4.18 12.75
C ASN F 34 -24.57 3.73 14.18
N TRP F 35 -25.43 2.84 14.66
CA TRP F 35 -25.32 2.28 16.00
C TRP F 35 -24.97 0.80 15.93
N TYR F 36 -24.11 0.36 16.83
CA TYR F 36 -23.65 -1.02 16.89
C TYR F 36 -23.71 -1.52 18.31
N GLN F 37 -23.95 -2.83 18.46
CA GLN F 37 -23.97 -3.48 19.76
C GLN F 37 -22.89 -4.56 19.80
N GLN F 38 -22.15 -4.60 20.90
CA GLN F 38 -21.06 -5.57 21.05
C GLN F 38 -21.10 -6.17 22.45
N LYS F 39 -21.18 -7.51 22.50
CA LYS F 39 -21.11 -8.30 23.72
C LYS F 39 -19.65 -8.58 24.08
N PRO F 40 -19.33 -8.76 25.36
CA PRO F 40 -17.96 -9.10 25.74
C PRO F 40 -17.52 -10.42 25.11
N GLY F 41 -16.46 -10.35 24.31
CA GLY F 41 -15.96 -11.52 23.63
C GLY F 41 -16.67 -11.87 22.33
N LYS F 42 -17.60 -11.05 21.87
CA LYS F 42 -18.34 -11.29 20.65
C LYS F 42 -18.08 -10.17 19.65
N ALA F 43 -18.49 -10.41 18.41
CA ALA F 43 -18.35 -9.43 17.35
C ALA F 43 -19.46 -8.39 17.43
N PRO F 44 -19.21 -7.16 16.98
CA PRO F 44 -20.26 -6.15 16.95
C PRO F 44 -21.38 -6.54 16.00
N LYS F 45 -22.58 -6.02 16.26
CA LYS F 45 -23.75 -6.27 15.43
C LYS F 45 -24.44 -4.96 15.13
N LEU F 46 -24.83 -4.78 13.88
CA LEU F 46 -25.46 -3.53 13.45
C LEU F 46 -26.88 -3.44 13.99
N LEU F 47 -27.24 -2.27 14.52
CA LEU F 47 -28.58 -2.01 15.01
C LEU F 47 -29.29 -0.96 14.16
N ILE F 48 -28.74 0.26 14.10
CA ILE F 48 -29.33 1.36 13.35
C ILE F 48 -28.31 1.85 12.33
N TYR F 49 -28.78 2.13 11.12
CA TYR F 49 -27.98 2.77 10.09
C TYR F 49 -28.76 3.94 9.53
N ASP F 50 -28.03 4.90 8.96
CA ASP F 50 -28.64 6.13 8.44
C ASP F 50 -29.45 6.84 9.54
N ALA F 51 -28.89 6.88 10.74
CA ALA F 51 -29.45 7.59 11.90
C ALA F 51 -30.75 6.96 12.42
N SER F 52 -31.64 6.53 11.52
CA SER F 52 -32.96 6.08 11.95
C SER F 52 -33.46 4.81 11.28
N SER F 53 -32.74 4.24 10.32
CA SER F 53 -33.20 3.05 9.63
C SER F 53 -32.86 1.81 10.46
N LEU F 54 -33.88 1.01 10.77
CA LEU F 54 -33.69 -0.19 11.58
C LEU F 54 -33.22 -1.35 10.71
N GLN F 55 -32.12 -1.98 11.13
CA GLN F 55 -31.59 -3.12 10.39
C GLN F 55 -32.53 -4.32 10.52
N SER F 56 -32.61 -5.10 9.44
CA SER F 56 -33.48 -6.28 9.43
C SER F 56 -33.03 -7.27 10.49
N GLY F 57 -34.00 -7.80 11.24
CA GLY F 57 -33.74 -8.72 12.32
C GLY F 57 -33.58 -8.09 13.69
N VAL F 58 -33.28 -6.80 13.74
CA VAL F 58 -33.13 -6.11 15.03
C VAL F 58 -34.52 -5.83 15.59
N PRO F 59 -34.75 -6.11 16.88
CA PRO F 59 -36.08 -5.87 17.46
C PRO F 59 -36.48 -4.41 17.36
N SER F 60 -37.80 -4.17 17.28
CA SER F 60 -38.34 -2.83 17.13
C SER F 60 -38.13 -1.96 18.36
N ARG F 61 -37.77 -2.54 19.50
CA ARG F 61 -37.50 -1.74 20.69
C ARG F 61 -36.29 -0.85 20.52
N PHE F 62 -35.42 -1.13 19.55
CA PHE F 62 -34.31 -0.26 19.21
C PHE F 62 -34.77 0.79 18.21
N SER F 63 -34.36 2.04 18.44
CA SER F 63 -34.74 3.13 17.56
C SER F 63 -33.70 4.24 17.66
N GLY F 64 -33.39 4.85 16.52
CA GLY F 64 -32.43 5.94 16.48
C GLY F 64 -33.03 7.22 15.93
N SER F 65 -32.44 8.35 16.30
CA SER F 65 -32.94 9.65 15.85
C SER F 65 -31.80 10.65 15.92
N GLY F 66 -32.07 11.85 15.42
CA GLY F 66 -31.09 12.92 15.38
C GLY F 66 -30.70 13.28 13.96
N TYR F 67 -30.15 14.48 13.81
CA TYR F 67 -29.72 14.97 12.51
C TYR F 67 -28.66 16.04 12.71
N GLY F 68 -27.50 15.86 12.09
CA GLY F 68 -26.42 16.82 12.19
C GLY F 68 -25.52 16.53 13.37
N THR F 69 -26.05 16.73 14.58
CA THR F 69 -25.37 16.45 15.83
C THR F 69 -26.40 15.92 16.82
N ASP F 70 -25.94 15.61 18.02
CA ASP F 70 -26.78 15.12 19.11
C ASP F 70 -27.65 13.94 18.65
N PHE F 71 -26.98 12.88 18.20
CA PHE F 71 -27.70 11.68 17.81
C PHE F 71 -28.06 10.87 19.04
N THR F 72 -29.16 10.13 18.95
CA THR F 72 -29.70 9.43 20.11
C THR F 72 -30.14 8.02 19.72
N LEU F 73 -29.73 7.04 20.53
CA LEU F 73 -30.23 5.67 20.43
C LEU F 73 -31.14 5.42 21.63
N THR F 74 -32.32 4.86 21.37
CA THR F 74 -33.33 4.67 22.39
C THR F 74 -33.73 3.20 22.45
N ILE F 75 -33.68 2.63 23.64
CA ILE F 75 -34.20 1.29 23.91
C ILE F 75 -35.46 1.47 24.75
N SER F 76 -36.62 1.28 24.11
CA SER F 76 -37.89 1.57 24.77
C SER F 76 -38.10 0.68 25.99
N SER F 77 -37.91 -0.62 25.83
CA SER F 77 -38.09 -1.59 26.90
C SER F 77 -36.83 -2.45 26.98
N LEU F 78 -36.00 -2.19 27.99
CA LEU F 78 -34.75 -2.93 28.14
C LEU F 78 -35.04 -4.38 28.54
N GLN F 79 -34.42 -5.31 27.83
CA GLN F 79 -34.53 -6.74 28.07
C GLN F 79 -33.22 -7.29 28.62
N PRO F 80 -33.23 -8.48 29.22
CA PRO F 80 -31.97 -9.01 29.77
C PRO F 80 -30.85 -9.16 28.76
N GLU F 81 -31.17 -9.44 27.50
CA GLU F 81 -30.14 -9.68 26.49
C GLU F 81 -29.60 -8.41 25.85
N ASP F 82 -29.97 -7.22 26.34
CA ASP F 82 -29.43 -5.98 25.81
C ASP F 82 -28.18 -5.52 26.56
N PHE F 83 -27.76 -6.24 27.59
CA PHE F 83 -26.53 -5.89 28.31
C PHE F 83 -25.35 -6.06 27.36
N ALA F 84 -24.71 -4.95 27.00
CA ALA F 84 -23.56 -4.96 26.11
C ALA F 84 -22.87 -3.61 26.09
N THR F 85 -22.24 -3.28 24.96
CA THR F 85 -21.63 -1.98 24.75
C THR F 85 -22.12 -1.43 23.42
N TYR F 86 -22.63 -0.21 23.42
CA TYR F 86 -23.26 0.39 22.25
C TYR F 86 -22.36 1.49 21.71
N PHE F 87 -21.93 1.34 20.46
CA PHE F 87 -21.07 2.28 19.79
C PHE F 87 -21.84 3.02 18.70
N CYS F 88 -21.56 4.31 18.54
CA CYS F 88 -22.00 5.06 17.38
C CYS F 88 -20.81 5.31 16.47
N GLN F 89 -21.09 5.34 15.17
CA GLN F 89 -20.03 5.43 14.15
C GLN F 89 -20.51 6.32 13.01
N GLN F 90 -19.78 7.39 12.76
CA GLN F 90 -20.13 8.30 11.67
C GLN F 90 -19.65 7.72 10.34
N SER F 91 -20.45 7.94 9.30
CA SER F 91 -20.09 7.48 7.95
C SER F 91 -20.11 8.62 6.95
N TYR F 92 -20.24 9.87 7.40
CA TYR F 92 -20.17 11.01 6.50
C TYR F 92 -18.80 11.10 5.84
N ASN F 93 -17.73 11.02 6.64
CA ASN F 93 -16.39 11.17 6.10
C ASN F 93 -15.40 10.18 6.70
N THR F 94 -14.52 9.67 5.83
CA THR F 94 -13.46 8.78 6.25
C THR F 94 -12.48 9.53 7.16
N PRO F 95 -11.96 8.90 8.22
CA PRO F 95 -12.21 7.50 8.62
C PRO F 95 -13.57 7.31 9.28
N TYR F 96 -14.15 6.14 9.11
CA TYR F 96 -15.44 5.85 9.72
C TYR F 96 -15.26 5.70 11.22
N ALA F 97 -14.96 6.80 11.89
CA ALA F 97 -14.61 6.76 13.29
C ALA F 97 -15.78 6.31 14.15
N PHE F 98 -15.47 5.65 15.25
CA PHE F 98 -16.45 5.17 16.20
C PHE F 98 -16.48 6.06 17.43
N GLY F 99 -17.59 5.99 18.15
CA GLY F 99 -17.68 6.65 19.43
C GLY F 99 -16.94 5.87 20.50
N GLN F 100 -16.78 6.52 21.66
CA GLN F 100 -16.08 5.87 22.76
C GLN F 100 -16.86 4.67 23.30
N GLY F 101 -18.16 4.66 23.12
CA GLY F 101 -18.98 3.55 23.56
C GLY F 101 -19.71 3.86 24.85
N THR F 102 -20.87 3.23 25.01
CA THR F 102 -21.68 3.39 26.22
C THR F 102 -22.06 1.98 26.70
N LYS F 103 -21.45 1.55 27.80
CA LYS F 103 -21.69 0.22 28.33
C LYS F 103 -22.97 0.25 29.16
N VAL F 104 -23.96 -0.55 28.76
CA VAL F 104 -25.21 -0.66 29.48
C VAL F 104 -25.14 -1.90 30.37
N GLU F 105 -25.36 -1.68 31.66
CA GLU F 105 -25.34 -2.74 32.67
C GLU F 105 -26.73 -2.84 33.31
N ILE F 106 -26.89 -3.86 34.14
CA ILE F 106 -28.13 -4.08 34.85
C ILE F 106 -27.92 -3.56 36.27
N LYS F 107 -29.00 -3.07 36.87
CA LYS F 107 -28.90 -2.37 38.14
C LYS F 107 -29.37 -3.24 39.30
N ARG F 108 -28.79 -2.99 40.47
CA ARG F 108 -29.01 -3.78 41.67
C ARG F 108 -28.73 -2.89 42.87
N THR F 109 -29.00 -3.44 44.05
CA THR F 109 -28.73 -2.72 45.29
C THR F 109 -27.23 -2.54 45.50
N VAL F 110 -26.87 -1.44 46.18
CA VAL F 110 -25.47 -1.17 46.46
C VAL F 110 -24.91 -2.24 47.39
N ALA F 111 -23.71 -2.73 47.06
CA ALA F 111 -23.05 -3.75 47.86
C ALA F 111 -21.60 -3.33 48.09
N ALA F 112 -21.23 -3.14 49.35
CA ALA F 112 -19.87 -2.74 49.67
C ALA F 112 -18.90 -3.90 49.45
N PRO F 113 -17.66 -3.61 49.06
CA PRO F 113 -16.69 -4.68 48.81
C PRO F 113 -16.15 -5.28 50.09
N SER F 114 -15.98 -6.60 50.07
CA SER F 114 -15.21 -7.29 51.09
C SER F 114 -13.75 -7.26 50.66
N VAL F 115 -12.88 -6.78 51.55
CA VAL F 115 -11.49 -6.47 51.21
C VAL F 115 -10.60 -7.54 51.81
N PHE F 116 -9.62 -7.99 51.04
CA PHE F 116 -8.64 -8.97 51.50
C PHE F 116 -7.27 -8.59 50.96
N ILE F 117 -6.24 -8.74 51.79
CA ILE F 117 -4.87 -8.42 51.41
C ILE F 117 -4.03 -9.69 51.55
N PHE F 118 -3.11 -9.89 50.61
CA PHE F 118 -2.27 -11.08 50.58
C PHE F 118 -0.81 -10.67 50.50
N PRO F 119 0.05 -11.18 51.37
CA PRO F 119 1.48 -10.89 51.26
C PRO F 119 2.12 -11.74 50.19
N PRO F 120 3.26 -11.32 49.66
CA PRO F 120 3.98 -12.18 48.70
C PRO F 120 4.48 -13.45 49.36
N SER F 121 4.55 -14.51 48.58
CA SER F 121 4.99 -15.80 49.09
C SER F 121 6.50 -15.85 49.21
N ASP F 122 6.98 -16.69 50.14
CA ASP F 122 8.41 -16.89 50.28
C ASP F 122 9.04 -17.42 49.00
N GLU F 123 8.28 -18.16 48.20
CA GLU F 123 8.80 -18.67 46.93
C GLU F 123 9.11 -17.54 45.97
N GLN F 124 8.18 -16.58 45.85
CA GLN F 124 8.39 -15.46 44.93
C GLN F 124 9.52 -14.55 45.41
N LEU F 125 9.66 -14.38 46.72
CA LEU F 125 10.71 -13.53 47.25
C LEU F 125 12.09 -14.10 46.94
N LYS F 126 12.21 -15.43 46.93
CA LYS F 126 13.46 -16.08 46.60
C LYS F 126 13.96 -15.71 45.20
N SER F 127 13.07 -15.27 44.31
CA SER F 127 13.41 -15.03 42.92
C SER F 127 13.63 -13.56 42.60
N GLY F 128 13.45 -12.66 43.57
CA GLY F 128 13.83 -11.27 43.41
C GLY F 128 12.68 -10.29 43.30
N THR F 129 11.43 -10.76 43.23
CA THR F 129 10.28 -9.89 43.03
C THR F 129 9.24 -10.19 44.10
N ALA F 130 8.54 -9.14 44.56
CA ALA F 130 7.50 -9.25 45.57
C ALA F 130 6.21 -8.64 45.02
N SER F 131 5.14 -9.42 45.03
CA SER F 131 3.84 -8.97 44.57
C SER F 131 2.85 -9.01 45.74
N VAL F 132 2.23 -7.87 46.03
CA VAL F 132 1.25 -7.77 47.10
C VAL F 132 -0.11 -7.55 46.46
N VAL F 133 -1.07 -8.41 46.80
CA VAL F 133 -2.37 -8.44 46.15
C VAL F 133 -3.44 -8.00 47.14
N CYS F 134 -4.31 -7.11 46.68
CA CYS F 134 -5.47 -6.66 47.45
C CYS F 134 -6.73 -7.01 46.68
N LEU F 135 -7.67 -7.70 47.35
CA LEU F 135 -8.87 -8.21 46.71
C LEU F 135 -10.09 -7.43 47.16
N LEU F 136 -10.85 -6.92 46.19
CA LEU F 136 -12.15 -6.29 46.44
C LEU F 136 -13.20 -7.19 45.81
N ASN F 137 -13.96 -7.89 46.65
CA ASN F 137 -14.80 -9.00 46.21
C ASN F 137 -16.27 -8.64 46.29
N ASN F 138 -17.01 -8.97 45.22
CA ASN F 138 -18.46 -8.99 45.21
C ASN F 138 -19.06 -7.65 45.66
N PHE F 139 -18.76 -6.61 44.90
CA PHE F 139 -19.23 -5.27 45.21
C PHE F 139 -20.01 -4.67 44.05
N TYR F 140 -20.86 -3.71 44.39
CA TYR F 140 -21.61 -2.90 43.43
C TYR F 140 -21.97 -1.58 44.11
N PRO F 141 -21.78 -0.43 43.44
CA PRO F 141 -21.36 -0.27 42.04
C PRO F 141 -19.87 -0.51 41.80
N ARG F 142 -19.50 -0.43 40.51
CA ARG F 142 -18.17 -0.83 40.07
C ARG F 142 -17.08 0.10 40.58
N GLU F 143 -17.39 1.36 40.85
CA GLU F 143 -16.36 2.34 41.19
C GLU F 143 -15.72 2.01 42.53
N ALA F 144 -14.39 2.02 42.56
CA ALA F 144 -13.63 1.82 43.79
C ALA F 144 -12.24 2.41 43.61
N LYS F 145 -11.66 2.89 44.70
CA LYS F 145 -10.30 3.43 44.71
C LYS F 145 -9.44 2.67 45.70
N VAL F 146 -8.32 2.14 45.21
CA VAL F 146 -7.37 1.39 46.03
C VAL F 146 -6.10 2.21 46.17
N GLN F 147 -5.70 2.45 47.41
CA GLN F 147 -4.48 3.20 47.72
C GLN F 147 -3.55 2.32 48.56
N TRP F 148 -2.33 2.14 48.09
CA TRP F 148 -1.33 1.35 48.79
C TRP F 148 -0.51 2.24 49.72
N LYS F 149 -0.32 1.79 50.95
CA LYS F 149 0.52 2.48 51.92
C LYS F 149 1.53 1.50 52.49
N VAL F 150 2.80 1.87 52.41
CA VAL F 150 3.90 1.03 52.87
C VAL F 150 4.64 1.80 53.96
N ASP F 151 4.55 1.32 55.20
CA ASP F 151 5.00 2.06 56.37
C ASP F 151 4.39 3.46 56.40
N ASN F 152 3.08 3.53 56.11
CA ASN F 152 2.32 4.78 56.11
C ASN F 152 2.86 5.76 55.07
N ALA F 153 3.20 5.24 53.90
CA ALA F 153 3.68 6.06 52.78
C ALA F 153 2.89 5.70 51.53
N LEU F 154 2.13 6.66 51.01
CA LEU F 154 1.29 6.42 49.85
C LEU F 154 2.14 6.11 48.62
N GLN F 155 1.86 4.97 47.99
CA GLN F 155 2.55 4.55 46.79
C GLN F 155 1.96 5.22 45.56
N SER F 156 2.68 5.16 44.45
CA SER F 156 2.20 5.73 43.20
C SER F 156 2.81 4.98 42.02
N GLY F 157 1.96 4.62 41.06
CA GLY F 157 2.41 4.05 39.80
C GLY F 157 2.87 2.62 39.84
N ASN F 158 3.14 2.05 41.01
CA ASN F 158 3.65 0.69 41.13
C ASN F 158 2.57 -0.33 41.40
N SER F 159 1.34 -0.07 40.96
CA SER F 159 0.23 -0.98 41.14
C SER F 159 -0.55 -1.11 39.84
N GLN F 160 -1.16 -2.27 39.64
CA GLN F 160 -2.03 -2.53 38.50
C GLN F 160 -3.33 -3.12 38.99
N GLU F 161 -4.42 -2.76 38.32
CA GLU F 161 -5.75 -3.21 38.70
C GLU F 161 -6.36 -4.07 37.59
N SER F 162 -7.20 -5.01 38.01
CA SER F 162 -7.95 -5.85 37.10
C SER F 162 -9.34 -6.06 37.67
N VAL F 163 -10.37 -5.90 36.84
CA VAL F 163 -11.76 -5.97 37.27
C VAL F 163 -12.45 -7.07 36.49
N THR F 164 -13.20 -7.91 37.20
CA THR F 164 -13.98 -8.95 36.54
C THR F 164 -15.18 -8.35 35.82
N GLU F 165 -15.71 -9.11 34.87
CA GLU F 165 -16.96 -8.73 34.25
C GLU F 165 -18.11 -8.95 35.23
N GLN F 166 -19.15 -8.12 35.11
CA GLN F 166 -20.27 -8.17 36.04
C GLN F 166 -20.84 -9.56 36.13
N ASP F 167 -20.85 -10.11 37.35
CA ASP F 167 -21.27 -11.49 37.55
C ASP F 167 -22.68 -11.71 37.04
N SER F 168 -22.90 -12.87 36.41
CA SER F 168 -24.20 -13.19 35.84
C SER F 168 -25.21 -13.61 36.88
N LYS F 169 -24.78 -13.98 38.10
CA LYS F 169 -25.69 -14.46 39.12
C LYS F 169 -26.11 -13.38 40.10
N ASP F 170 -25.16 -12.58 40.61
CA ASP F 170 -25.46 -11.56 41.61
C ASP F 170 -25.15 -10.14 41.14
N SER F 171 -24.78 -9.96 39.87
CA SER F 171 -24.59 -8.64 39.27
C SER F 171 -23.54 -7.81 40.00
N THR F 172 -22.57 -8.47 40.63
CA THR F 172 -21.51 -7.76 41.35
C THR F 172 -20.21 -7.80 40.55
N TYR F 173 -19.27 -6.96 40.97
CA TYR F 173 -17.93 -6.92 40.40
C TYR F 173 -16.91 -7.37 41.43
N SER F 174 -15.75 -7.80 40.94
CA SER F 174 -14.59 -8.06 41.78
C SER F 174 -13.38 -7.35 41.17
N LEU F 175 -12.48 -6.91 42.05
CA LEU F 175 -11.33 -6.12 41.63
C LEU F 175 -10.09 -6.60 42.37
N SER F 176 -8.97 -6.70 41.64
CA SER F 176 -7.69 -7.08 42.20
C SER F 176 -6.69 -5.97 41.95
N SER F 177 -5.99 -5.56 43.01
CA SER F 177 -4.92 -4.57 42.92
C SER F 177 -3.62 -5.22 43.35
N THR F 178 -2.65 -5.26 42.44
CA THR F 178 -1.38 -5.93 42.68
C THR F 178 -0.27 -4.89 42.79
N LEU F 179 0.40 -4.86 43.94
CA LEU F 179 1.52 -3.97 44.18
C LEU F 179 2.81 -4.73 43.90
N THR F 180 3.59 -4.24 42.94
CA THR F 180 4.81 -4.92 42.49
C THR F 180 6.02 -4.15 42.99
N LEU F 181 6.84 -4.80 43.81
CA LEU F 181 8.07 -4.22 44.31
C LEU F 181 9.21 -5.21 44.11
N SER F 182 10.43 -4.68 44.07
CA SER F 182 11.61 -5.52 44.11
C SER F 182 11.74 -6.17 45.48
N LYS F 183 12.39 -7.34 45.52
CA LYS F 183 12.61 -8.02 46.78
C LYS F 183 13.36 -7.14 47.77
N ALA F 184 14.37 -6.40 47.29
CA ALA F 184 15.12 -5.50 48.16
C ALA F 184 14.21 -4.44 48.75
N ASP F 185 13.39 -3.79 47.92
CA ASP F 185 12.51 -2.75 48.41
C ASP F 185 11.45 -3.31 49.35
N TYR F 186 10.92 -4.49 49.05
CA TYR F 186 9.90 -5.09 49.91
C TYR F 186 10.43 -5.35 51.31
N GLU F 187 11.64 -5.88 51.42
CA GLU F 187 12.20 -6.23 52.72
C GLU F 187 12.71 -5.03 53.50
N LYS F 188 12.61 -3.82 52.94
CA LYS F 188 12.98 -2.61 53.66
C LYS F 188 11.88 -2.10 54.58
N HIS F 189 10.69 -2.70 54.55
CA HIS F 189 9.53 -2.16 55.23
C HIS F 189 8.81 -3.26 56.01
N LYS F 190 8.00 -2.85 56.97
CA LYS F 190 7.23 -3.75 57.82
C LYS F 190 5.74 -3.75 57.50
N VAL F 191 5.13 -2.58 57.33
CA VAL F 191 3.68 -2.44 57.23
C VAL F 191 3.30 -2.29 55.77
N TYR F 192 2.35 -3.11 55.33
CA TYR F 192 1.77 -3.00 53.99
C TYR F 192 0.26 -2.99 54.13
N ALA F 193 -0.36 -1.88 53.73
CA ALA F 193 -1.78 -1.67 53.94
C ALA F 193 -2.47 -1.34 52.62
N CYS F 194 -3.69 -1.84 52.47
CA CYS F 194 -4.53 -1.56 51.31
C CYS F 194 -5.76 -0.82 51.79
N GLU F 195 -5.95 0.41 51.29
CA GLU F 195 -7.07 1.25 51.69
C GLU F 195 -8.06 1.33 50.54
N VAL F 196 -9.33 1.04 50.84
CA VAL F 196 -10.37 0.90 49.83
C VAL F 196 -11.49 1.88 50.14
N THR F 197 -11.93 2.61 49.12
CA THR F 197 -13.07 3.52 49.22
C THR F 197 -14.14 3.08 48.24
N HIS F 198 -15.39 3.19 48.65
CA HIS F 198 -16.53 2.78 47.84
C HIS F 198 -17.76 3.55 48.30
N GLN F 199 -18.64 3.88 47.36
CA GLN F 199 -19.80 4.69 47.69
C GLN F 199 -20.72 3.99 48.69
N GLY F 200 -20.66 2.65 48.76
CA GLY F 200 -21.36 1.92 49.80
C GLY F 200 -20.65 1.86 51.13
N LEU F 201 -19.43 2.39 51.20
CA LEU F 201 -18.64 2.40 52.43
C LEU F 201 -18.67 3.79 53.04
N SER F 202 -19.04 3.88 54.32
CA SER F 202 -19.08 5.16 55.01
C SER F 202 -17.68 5.65 55.36
N SER F 203 -16.77 4.74 55.67
CA SER F 203 -15.38 5.05 55.94
C SER F 203 -14.50 4.13 55.12
N PRO F 204 -13.31 4.59 54.72
CA PRO F 204 -12.40 3.72 53.98
C PRO F 204 -12.03 2.49 54.78
N VAL F 205 -11.90 1.35 54.10
CA VAL F 205 -11.59 0.08 54.72
C VAL F 205 -10.12 -0.23 54.46
N THR F 206 -9.36 -0.46 55.52
CA THR F 206 -7.93 -0.70 55.44
C THR F 206 -7.62 -2.11 55.93
N LYS F 207 -7.00 -2.91 55.06
CA LYS F 207 -6.48 -4.22 55.42
C LYS F 207 -4.97 -4.15 55.35
N SER F 208 -4.31 -4.64 56.39
CA SER F 208 -2.86 -4.53 56.49
C SER F 208 -2.28 -5.80 57.10
N PHE F 209 -0.99 -6.01 56.83
CA PHE F 209 -0.23 -7.09 57.44
C PHE F 209 1.16 -6.58 57.77
N ASN F 210 1.82 -7.27 58.68
CA ASN F 210 3.21 -6.99 59.05
C ASN F 210 4.11 -8.02 58.39
N ARG F 211 5.13 -7.55 57.68
CA ARG F 211 6.01 -8.43 56.92
C ARG F 211 6.68 -9.45 57.84
N GLY F 212 6.62 -10.72 57.44
CA GLY F 212 7.19 -11.80 58.22
C GLY F 212 6.36 -12.27 59.39
N GLU F 213 5.18 -11.70 59.61
CA GLU F 213 4.33 -12.08 60.74
C GLU F 213 3.02 -12.68 60.25
#